data_4COL
#
_entry.id   4COL
#
_cell.length_a   78.000
_cell.length_b   94.120
_cell.length_c   86.710
_cell.angle_alpha   90.00
_cell.angle_beta   112.03
_cell.angle_gamma   90.00
#
_symmetry.space_group_name_H-M   'P 1 21 1'
#
loop_
_entity.id
_entity.type
_entity.pdbx_description
1 polymer 'ANAEROBIC RIBONUCLEOSIDE-TRIPHOSPHATE REDUCTASE'
2 non-polymer 'ZINC ION'
3 non-polymer 'MAGNESIUM ION'
4 non-polymer "2'-DEOXYADENOSINE 5'-TRIPHOSPHATE"
5 non-polymer 'SULFONIC ACID'
6 water water
#
_entity_poly.entity_id   1
_entity_poly.type   'polypeptide(L)'
_entity_poly.pdbx_seq_one_letter_code
;MKVQYSFEREFEELMSDLLSKYGYEMFQMDGLGDQLDVVKFTEDFVRRGIIESTIDANANVRVTNISTYFIEISKPHTYL
YSLYRIWQKMKEMFGKGVADEFVEAQINGAVYLHDRHHAALMPYCFAYTLKPIVEKGLPFIKTIKSEPAKHLSTFIQHVI
QFVMFASNQSSGAVGLPDFFVWMWYFVKKDLKEGIIPRDKLDWYIEQHFQILTYSLNQPIRTTQSPYTNFTYLDRNYIKA
IFEGERYPDGSLITDHVEDIIALQKHYWEWVSRERERQMFTFPVLTASLLYKDGKFLDEDSARFINKINMKWQDTNWYIS
DSIDAVASCCRLTSSTQTLKKFSLSSEEEEKLKGRMNSIGGSDLNIGSFKVITVNLPRIALESGGDREKYLQILRHRVQL
IKKALAAVREIIKERISEGLLPLYENGLMLLNRQYGTIGVTGVWESASIMGLTTEDIDGLKYTEEGEVFVDNVLDTIREE
AEKGYHEYGFTFNIEQVPAEKAAVTLAQKDRFLFGEKQPFEIYSNQWVPLMANTDVLNRIRYSGKWDKKVSGGAILHINL
GESFKTEEESFNMVKMIADMGVMYFAFNTKISVCEDGHAFYGERCPVCGKAKVDEYMRIVGYLVPVSAFNKERREIEYPR
RQFYDSLTIRR
;
_entity_poly.pdbx_strand_id   A,B
#
# COMPACT_ATOMS: atom_id res chain seq x y z
N MET A 1 -15.20 -4.64 27.01
CA MET A 1 -14.09 -5.51 27.47
C MET A 1 -12.87 -4.64 27.69
N LYS A 2 -12.09 -4.94 28.72
CA LYS A 2 -10.88 -4.18 29.00
C LYS A 2 -9.66 -4.85 28.37
N VAL A 3 -8.86 -4.02 27.72
CA VAL A 3 -7.63 -4.45 27.06
C VAL A 3 -6.49 -3.63 27.65
N GLN A 4 -5.43 -4.31 28.05
CA GLN A 4 -4.36 -3.70 28.82
C GLN A 4 -3.22 -3.23 27.92
N TYR A 5 -2.91 -1.93 28.00
CA TYR A 5 -1.69 -1.36 27.42
C TYR A 5 -0.67 -1.11 28.54
N SER A 6 0.49 -1.75 28.43
CA SER A 6 1.44 -1.83 29.53
C SER A 6 2.39 -0.65 29.61
N PHE A 7 1.97 0.39 30.30
CA PHE A 7 2.79 1.58 30.47
C PHE A 7 3.48 1.55 31.82
N GLU A 8 4.60 2.26 31.92
CA GLU A 8 5.21 2.54 33.21
C GLU A 8 4.18 3.28 34.04
N ARG A 9 4.11 2.97 35.34
CA ARG A 9 3.12 3.60 36.21
C ARG A 9 3.17 5.13 36.15
N GLU A 10 4.37 5.69 36.02
CA GLU A 10 4.51 7.15 35.98
C GLU A 10 3.70 7.77 34.85
N PHE A 11 3.68 7.08 33.71
CA PHE A 11 2.94 7.53 32.55
C PHE A 11 1.44 7.32 32.75
N GLU A 12 1.05 6.14 33.26
CA GLU A 12 -0.35 5.89 33.62
C GLU A 12 -0.88 6.96 34.59
N GLU A 13 -0.05 7.33 35.56
CA GLU A 13 -0.42 8.32 36.56
C GLU A 13 -0.49 9.69 35.92
N LEU A 14 0.48 9.99 35.06
CA LEU A 14 0.43 11.22 34.27
C LEU A 14 -0.88 11.32 33.51
N MET A 15 -1.21 10.29 32.75
CA MET A 15 -2.41 10.30 31.92
C MET A 15 -3.68 10.39 32.76
N SER A 16 -3.71 9.66 33.87
CA SER A 16 -4.81 9.82 34.82
C SER A 16 -4.93 11.27 35.31
N ASP A 17 -3.82 11.88 35.72
CA ASP A 17 -3.83 13.28 36.15
C ASP A 17 -4.35 14.23 35.06
N LEU A 18 -3.82 14.09 33.85
CA LEU A 18 -4.24 14.92 32.74
C LEU A 18 -5.74 14.73 32.47
N LEU A 19 -6.19 13.48 32.52
CA LEU A 19 -7.61 13.19 32.33
C LEU A 19 -8.46 13.85 33.42
N SER A 20 -8.00 13.76 34.66
CA SER A 20 -8.68 14.45 35.77
C SER A 20 -8.77 15.95 35.50
N LYS A 21 -7.65 16.54 35.09
CA LYS A 21 -7.62 17.98 34.87
C LYS A 21 -8.47 18.46 33.69
N TYR A 22 -8.22 17.91 32.51
CA TYR A 22 -8.79 18.46 31.29
C TYR A 22 -10.12 17.82 30.89
N GLY A 23 -10.39 16.64 31.42
CA GLY A 23 -11.64 15.96 31.16
C GLY A 23 -11.58 15.11 29.90
N TYR A 24 -12.56 14.22 29.76
CA TYR A 24 -12.56 13.26 28.66
C TYR A 24 -12.58 13.94 27.29
N GLU A 25 -13.37 15.00 27.16
CA GLU A 25 -13.58 15.59 25.85
C GLU A 25 -12.32 16.22 25.24
N MET A 26 -11.36 16.58 26.08
CA MET A 26 -10.06 17.03 25.60
C MET A 26 -9.33 15.85 24.95
N PHE A 27 -9.29 14.75 25.68
CA PHE A 27 -8.71 13.52 25.15
C PHE A 27 -9.40 13.14 23.84
N GLN A 28 -10.72 13.22 23.83
CA GLN A 28 -11.50 13.03 22.61
C GLN A 28 -10.96 13.93 21.49
N MET A 29 -10.91 15.24 21.75
CA MET A 29 -10.38 16.18 20.77
C MET A 29 -8.97 15.83 20.31
N ASP A 30 -8.17 15.27 21.20
CA ASP A 30 -6.80 14.87 20.85
C ASP A 30 -6.73 13.56 20.06
N GLY A 31 -7.84 12.85 19.98
CA GLY A 31 -7.87 11.58 19.25
C GLY A 31 -7.55 10.39 20.15
N LEU A 32 -7.69 10.58 21.45
CA LEU A 32 -7.44 9.54 22.45
C LEU A 32 -8.68 9.27 23.30
N GLY A 33 -9.85 9.46 22.70
CA GLY A 33 -11.11 9.13 23.34
C GLY A 33 -11.72 7.87 22.74
N ASP A 34 -12.98 7.97 22.31
CA ASP A 34 -13.70 6.93 21.58
C ASP A 34 -12.87 6.23 20.49
N GLN A 35 -11.94 6.99 19.90
CA GLN A 35 -11.20 6.52 18.73
C GLN A 35 -10.37 5.28 19.05
N LEU A 36 -10.07 5.08 20.33
CA LEU A 36 -9.30 3.92 20.76
C LEU A 36 -10.18 2.68 20.86
N ASP A 37 -11.50 2.88 20.92
CA ASP A 37 -12.47 1.77 20.97
C ASP A 37 -12.68 1.21 19.56
N VAL A 38 -12.09 0.07 19.29
CA VAL A 38 -12.08 -0.47 17.93
C VAL A 38 -13.50 -0.74 17.40
N VAL A 39 -14.39 -1.17 18.27
CA VAL A 39 -15.77 -1.44 17.86
C VAL A 39 -16.50 -0.17 17.44
N LYS A 40 -16.46 0.85 18.29
CA LYS A 40 -17.09 2.13 17.99
C LYS A 40 -16.48 2.72 16.73
N PHE A 41 -15.15 2.76 16.68
CA PHE A 41 -14.45 3.30 15.52
C PHE A 41 -14.87 2.59 14.25
N THR A 42 -14.83 1.25 14.29
CA THR A 42 -15.16 0.45 13.12
C THR A 42 -16.59 0.70 12.70
N GLU A 43 -17.52 0.59 13.64
CA GLU A 43 -18.94 0.71 13.27
C GLU A 43 -19.29 2.12 12.82
N ASP A 44 -18.57 3.11 13.34
CA ASP A 44 -18.75 4.48 12.86
C ASP A 44 -18.14 4.66 11.47
N PHE A 45 -16.99 4.05 11.23
CA PHE A 45 -16.35 4.15 9.92
C PHE A 45 -17.21 3.58 8.79
N VAL A 46 -17.93 2.50 9.04
CA VAL A 46 -18.68 1.82 8.00
C VAL A 46 -20.10 2.36 7.89
N THR A 64 -14.23 6.82 -0.07
CA THR A 64 -13.18 5.92 0.39
C THR A 64 -13.64 4.47 0.33
N ASN A 65 -12.69 3.55 0.43
CA ASN A 65 -12.99 2.11 0.35
C ASN A 65 -12.37 1.35 1.53
N ILE A 66 -12.55 0.03 1.55
CA ILE A 66 -12.15 -0.75 2.72
C ILE A 66 -10.67 -0.62 3.06
N SER A 67 -9.85 -0.39 2.03
CA SER A 67 -8.41 -0.27 2.24
C SER A 67 -8.09 0.85 3.22
N THR A 68 -8.88 1.92 3.19
CA THR A 68 -8.71 3.02 4.12
C THR A 68 -8.85 2.53 5.56
N TYR A 69 -9.75 1.57 5.77
CA TYR A 69 -10.13 1.21 7.13
C TYR A 69 -8.91 0.71 7.86
N PHE A 70 -8.13 -0.10 7.14
CA PHE A 70 -6.98 -0.72 7.75
C PHE A 70 -5.86 0.29 8.00
N ILE A 71 -5.92 1.44 7.33
CA ILE A 71 -4.91 2.47 7.54
C ILE A 71 -5.28 3.30 8.76
N GLU A 72 -6.57 3.62 8.86
CA GLU A 72 -7.04 4.55 9.88
C GLU A 72 -7.20 3.92 11.26
N ILE A 73 -7.52 2.63 11.32
CA ILE A 73 -7.95 2.00 12.56
C ILE A 73 -6.92 2.07 13.68
N SER A 74 -5.64 1.98 13.33
CA SER A 74 -4.57 1.87 14.30
C SER A 74 -3.92 3.20 14.66
N LYS A 75 -4.30 4.26 13.96
CA LYS A 75 -3.68 5.58 14.16
C LYS A 75 -3.75 6.10 15.62
N PRO A 76 -4.92 5.99 16.26
CA PRO A 76 -5.00 6.38 17.68
C PRO A 76 -4.02 5.59 18.54
N HIS A 77 -3.84 4.32 18.19
CA HIS A 77 -3.02 3.40 18.97
C HIS A 77 -1.53 3.66 18.81
N THR A 78 -1.11 3.88 17.56
CA THR A 78 0.27 4.16 17.26
C THR A 78 0.62 5.59 17.70
N TYR A 79 -0.38 6.46 17.69
CA TYR A 79 -0.21 7.76 18.34
C TYR A 79 0.03 7.55 19.83
N LEU A 80 -0.88 6.86 20.51
CA LEU A 80 -0.71 6.64 21.96
C LEU A 80 0.67 6.06 22.27
N TYR A 81 1.06 5.05 21.49
CA TYR A 81 2.40 4.49 21.66
C TYR A 81 3.49 5.53 21.41
N SER A 82 3.37 6.32 20.35
CA SER A 82 4.40 7.31 20.04
C SER A 82 4.52 8.37 21.14
N LEU A 83 3.38 8.82 21.66
CA LEU A 83 3.36 9.79 22.74
C LEU A 83 4.08 9.21 23.94
N TYR A 84 3.76 7.96 24.24
CA TYR A 84 4.43 7.23 25.32
C TYR A 84 5.96 7.09 25.11
N ARG A 85 6.38 6.65 23.94
CA ARG A 85 7.81 6.46 23.67
C ARG A 85 8.58 7.78 23.70
N ILE A 86 7.96 8.83 23.16
CA ILE A 86 8.55 10.14 23.23
C ILE A 86 8.66 10.55 24.70
N TRP A 87 7.58 10.37 25.46
CA TRP A 87 7.63 10.63 26.90
C TRP A 87 8.80 9.90 27.57
N GLN A 88 8.93 8.60 27.27
CA GLN A 88 10.04 7.81 27.81
C GLN A 88 11.40 8.39 27.46
N LYS A 89 11.61 8.69 26.17
CA LYS A 89 12.89 9.21 25.72
C LYS A 89 13.20 10.60 26.31
N MET A 90 12.18 11.45 26.40
CA MET A 90 12.34 12.76 27.01
C MET A 90 12.65 12.62 28.51
N LYS A 91 11.99 11.68 29.18
CA LYS A 91 12.32 11.39 30.57
C LYS A 91 13.79 11.01 30.64
N GLU A 92 14.19 10.05 29.80
CA GLU A 92 15.58 9.61 29.75
C GLU A 92 16.53 10.80 29.60
N MET A 93 16.28 11.64 28.61
CA MET A 93 17.21 12.70 28.24
C MET A 93 17.16 13.96 29.14
N PHE A 94 15.99 14.27 29.68
CA PHE A 94 15.77 15.58 30.30
C PHE A 94 15.10 15.52 31.67
N GLY A 95 14.64 14.33 32.05
CA GLY A 95 13.96 14.14 33.32
C GLY A 95 12.44 14.17 33.19
N LYS A 96 11.79 13.67 34.24
CA LYS A 96 10.35 13.45 34.24
C LYS A 96 9.51 14.73 34.06
N GLY A 97 9.88 15.80 34.76
CA GLY A 97 9.12 17.04 34.68
C GLY A 97 8.93 17.53 33.25
N VAL A 98 10.03 17.59 32.51
CA VAL A 98 10.02 18.02 31.11
C VAL A 98 9.17 17.11 30.23
N ALA A 99 9.29 15.80 30.43
CA ALA A 99 8.56 14.83 29.62
C ALA A 99 7.06 15.02 29.87
N ASP A 100 6.74 15.10 31.16
CA ASP A 100 5.39 15.35 31.62
C ASP A 100 4.85 16.62 31.01
N GLU A 101 5.66 17.67 31.01
CA GLU A 101 5.23 18.94 30.46
C GLU A 101 4.95 18.81 28.97
N PHE A 102 5.83 18.12 28.26
CA PHE A 102 5.56 17.94 26.84
C PHE A 102 4.26 17.19 26.59
N VAL A 103 4.07 16.08 27.30
CA VAL A 103 2.82 15.32 27.14
C VAL A 103 1.61 16.19 27.44
N GLU A 104 1.66 16.93 28.56
CA GLU A 104 0.56 17.82 28.92
C GLU A 104 0.29 18.84 27.80
N ALA A 105 1.36 19.49 27.35
CA ALA A 105 1.25 20.47 26.27
C ALA A 105 0.69 19.85 24.99
N GLN A 106 1.08 18.63 24.68
CA GLN A 106 0.62 17.98 23.45
C GLN A 106 -0.87 17.66 23.57
N ILE A 107 -1.24 17.02 24.67
CA ILE A 107 -2.64 16.68 24.89
C ILE A 107 -3.54 17.92 24.95
N ASN A 108 -3.14 18.97 25.67
CA ASN A 108 -4.01 20.13 25.82
C ASN A 108 -3.96 21.15 24.67
N GLY A 109 -3.04 20.95 23.72
CA GLY A 109 -2.98 21.76 22.52
C GLY A 109 -2.08 22.98 22.57
N ALA A 110 -1.21 23.06 23.57
CA ALA A 110 -0.21 24.13 23.60
C ALA A 110 0.78 23.93 22.46
N VAL A 111 1.06 22.68 22.15
CA VAL A 111 1.89 22.34 21.00
C VAL A 111 1.13 21.33 20.16
N TYR A 112 1.57 21.18 18.92
CA TYR A 112 1.00 20.21 18.02
C TYR A 112 2.07 19.34 17.36
N LEU A 113 2.11 18.07 17.76
CA LEU A 113 3.00 17.07 17.19
C LEU A 113 2.42 16.59 15.86
N HIS A 114 3.14 16.86 14.78
CA HIS A 114 2.64 16.47 13.46
C HIS A 114 2.83 14.96 13.22
N ASP A 115 2.04 14.40 12.31
CA ASP A 115 2.07 12.96 11.99
C ASP A 115 2.24 12.14 13.27
N ARG A 116 1.39 12.41 14.25
CA ARG A 116 1.63 11.93 15.58
C ARG A 116 1.50 10.41 15.67
N HIS A 117 0.71 9.84 14.76
CA HIS A 117 0.54 8.39 14.70
C HIS A 117 1.80 7.70 14.17
N HIS A 118 2.72 8.47 13.59
CA HIS A 118 4.00 7.95 13.07
C HIS A 118 5.21 8.42 13.87
N ALA A 119 4.96 9.31 14.83
CA ALA A 119 6.00 10.16 15.40
C ALA A 119 7.15 9.42 16.08
N ALA A 120 6.92 8.20 16.55
CA ALA A 120 7.99 7.44 17.19
C ALA A 120 8.43 6.27 16.32
N LEU A 121 8.04 6.32 15.05
CA LEU A 121 8.21 5.17 14.17
C LEU A 121 8.96 5.50 12.88
N MET A 122 8.60 6.60 12.23
CA MET A 122 9.26 7.00 10.99
C MET A 122 9.31 8.53 10.84
N PRO A 123 10.22 9.03 9.98
CA PRO A 123 10.46 10.47 9.84
C PRO A 123 9.48 11.13 8.87
N TYR A 124 9.59 12.45 8.76
CA TYR A 124 8.61 13.24 8.03
C TYR A 124 8.86 13.28 6.51
N CYS A 125 9.87 14.02 6.07
CA CYS A 125 10.02 14.26 4.63
C CYS A 125 11.45 14.45 4.15
N PHE A 126 11.62 14.41 2.83
CA PHE A 126 12.92 14.64 2.22
C PHE A 126 12.80 14.97 0.75
N ALA A 127 13.67 15.86 0.26
CA ALA A 127 13.76 16.15 -1.17
C ALA A 127 14.97 15.42 -1.71
N TYR A 128 14.71 14.36 -2.47
CA TYR A 128 15.76 13.44 -2.92
C TYR A 128 16.40 13.85 -4.23
N THR A 129 17.66 13.44 -4.39
CA THR A 129 18.27 13.31 -5.71
C THR A 129 18.06 11.87 -6.19
N LEU A 130 17.89 11.70 -7.48
CA LEU A 130 17.70 10.38 -8.05
C LEU A 130 19.01 9.72 -8.43
N LYS A 131 20.11 10.45 -8.26
CA LYS A 131 21.42 9.93 -8.63
C LYS A 131 21.65 8.48 -8.17
N PRO A 132 21.37 8.17 -6.89
CA PRO A 132 21.62 6.79 -6.42
C PRO A 132 20.66 5.76 -7.01
N ILE A 133 19.47 6.19 -7.39
CA ILE A 133 18.55 5.29 -8.09
C ILE A 133 19.12 5.02 -9.48
N VAL A 134 19.49 6.07 -10.19
CA VAL A 134 20.07 5.90 -11.52
C VAL A 134 21.34 5.06 -11.45
N GLU A 135 22.13 5.27 -10.39
CA GLU A 135 23.42 4.61 -10.29
C GLU A 135 23.43 3.23 -9.62
N LYS A 136 22.47 2.92 -8.76
CA LYS A 136 22.42 1.63 -8.07
C LYS A 136 21.12 0.85 -8.32
N GLY A 137 20.14 1.50 -8.95
CA GLY A 137 18.84 0.87 -9.16
C GLY A 137 18.03 0.83 -7.87
N LEU A 138 17.43 -0.31 -7.59
CA LEU A 138 16.61 -0.50 -6.39
C LEU A 138 17.21 -1.61 -5.53
N PRO A 139 18.08 -1.24 -4.59
CA PRO A 139 18.67 -2.20 -3.63
C PRO A 139 17.86 -2.31 -2.34
N PHE A 140 17.19 -1.23 -1.96
CA PHE A 140 16.44 -1.17 -0.72
C PHE A 140 15.19 -2.06 -0.75
N ILE A 141 14.88 -2.62 -1.92
CA ILE A 141 13.74 -3.49 -2.09
C ILE A 141 14.23 -4.93 -2.15
N LYS A 142 13.70 -5.77 -1.27
CA LYS A 142 14.26 -7.10 -1.02
C LYS A 142 13.51 -8.24 -1.70
N THR A 143 12.25 -8.03 -2.05
CA THR A 143 11.46 -9.08 -2.71
C THR A 143 11.99 -9.40 -4.10
N ILE A 144 12.52 -8.40 -4.78
CA ILE A 144 13.20 -8.60 -6.04
C ILE A 144 14.22 -7.47 -6.23
N LYS A 145 15.42 -7.81 -6.75
CA LYS A 145 16.48 -6.81 -6.94
C LYS A 145 16.46 -6.28 -8.38
N SER A 146 16.44 -4.95 -8.50
CA SER A 146 16.50 -4.27 -9.78
C SER A 146 17.89 -3.67 -10.02
N GLU A 147 18.45 -3.96 -11.20
CA GLU A 147 19.71 -3.34 -11.63
C GLU A 147 19.44 -1.88 -12.00
N PRO A 148 20.52 -1.10 -12.20
CA PRO A 148 20.29 0.28 -12.65
C PRO A 148 19.53 0.29 -13.99
N ALA A 149 18.61 1.24 -14.15
CA ALA A 149 17.85 1.35 -15.39
C ALA A 149 18.77 1.57 -16.60
N LYS A 150 18.41 0.95 -17.72
CA LYS A 150 19.12 1.12 -18.98
C LYS A 150 18.25 1.82 -20.01
N HIS A 151 17.00 2.08 -19.65
CA HIS A 151 16.00 2.57 -20.60
C HIS A 151 15.09 3.57 -19.90
N LEU A 152 14.44 4.42 -20.68
CA LEU A 152 13.49 5.40 -20.14
C LEU A 152 12.34 4.69 -19.42
N SER A 153 11.77 3.65 -20.06
CA SER A 153 10.64 2.94 -19.47
C SER A 153 10.93 2.48 -18.04
N THR A 154 12.12 1.91 -17.85
CA THR A 154 12.50 1.39 -16.56
C THR A 154 12.97 2.49 -15.59
N PHE A 155 13.51 3.58 -16.12
CA PHE A 155 13.82 4.74 -15.27
C PHE A 155 12.52 5.26 -14.66
N ILE A 156 11.51 5.40 -15.51
CA ILE A 156 10.18 5.80 -15.05
C ILE A 156 9.67 4.80 -14.02
N GLN A 157 9.69 3.50 -14.35
CA GLN A 157 9.26 2.51 -13.36
C GLN A 157 10.02 2.64 -12.04
N HIS A 158 11.34 2.81 -12.10
CA HIS A 158 12.12 2.90 -10.87
C HIS A 158 11.73 4.11 -10.05
N VAL A 159 11.49 5.24 -10.71
CA VAL A 159 11.04 6.41 -9.99
C VAL A 159 9.70 6.11 -9.30
N ILE A 160 8.79 5.48 -10.04
CA ILE A 160 7.53 5.04 -9.43
C ILE A 160 7.75 4.14 -8.20
N GLN A 161 8.53 3.07 -8.36
CA GLN A 161 8.70 2.15 -7.25
C GLN A 161 9.35 2.89 -6.07
N PHE A 162 10.31 3.75 -6.38
CA PHE A 162 10.98 4.47 -5.31
C PHE A 162 10.02 5.40 -4.57
N VAL A 163 9.18 6.12 -5.31
CA VAL A 163 8.19 6.99 -4.66
C VAL A 163 7.28 6.15 -3.76
N MET A 164 6.79 5.03 -4.29
CA MET A 164 5.92 4.14 -3.51
CA MET A 164 5.89 4.18 -3.49
C MET A 164 6.59 3.64 -2.24
N PHE A 165 7.83 3.21 -2.38
CA PHE A 165 8.60 2.77 -1.22
C PHE A 165 8.77 3.92 -0.20
N ALA A 166 9.25 5.06 -0.68
CA ALA A 166 9.59 6.18 0.19
C ALA A 166 8.38 6.72 0.91
N SER A 167 7.25 6.81 0.21
CA SER A 167 6.04 7.35 0.80
C SER A 167 5.49 6.52 1.96
N ASN A 168 5.83 5.22 2.01
CA ASN A 168 5.42 4.37 3.13
C ASN A 168 6.50 4.23 4.19
N GLN A 169 7.60 4.97 4.01
CA GLN A 169 8.70 4.96 4.97
C GLN A 169 8.84 6.34 5.59
N SER A 170 7.86 7.20 5.32
CA SER A 170 7.90 8.56 5.80
C SER A 170 6.48 9.13 5.79
N SER A 171 6.26 10.20 6.54
CA SER A 171 4.91 10.73 6.72
C SER A 171 4.54 11.84 5.75
N GLY A 172 5.55 12.45 5.12
CA GLY A 172 5.34 13.67 4.36
C GLY A 172 5.82 13.57 2.93
N ALA A 173 6.24 14.70 2.39
CA ALA A 173 6.50 14.80 0.96
C ALA A 173 7.69 13.96 0.52
N VAL A 174 7.57 13.39 -0.69
CA VAL A 174 8.68 12.79 -1.39
C VAL A 174 9.02 13.77 -2.51
N GLY A 175 10.05 14.58 -2.31
CA GLY A 175 10.44 15.57 -3.29
C GLY A 175 11.37 15.01 -4.34
N LEU A 176 11.16 15.39 -5.59
CA LEU A 176 12.00 14.96 -6.71
C LEU A 176 12.45 16.17 -7.55
N PRO A 177 13.22 17.08 -6.94
CA PRO A 177 13.60 18.30 -7.66
C PRO A 177 14.49 18.08 -8.88
N ASP A 178 15.32 17.03 -8.91
CA ASP A 178 16.21 16.84 -10.05
C ASP A 178 15.72 15.77 -11.03
N PHE A 179 14.42 15.47 -10.98
CA PHE A 179 13.80 14.49 -11.87
C PHE A 179 14.20 14.64 -13.34
N PHE A 180 14.16 15.87 -13.86
CA PHE A 180 14.29 16.07 -15.30
C PHE A 180 15.75 16.00 -15.75
N VAL A 181 16.65 16.34 -14.83
CA VAL A 181 18.07 16.18 -15.05
C VAL A 181 18.33 14.74 -15.45
N TRP A 182 17.75 13.81 -14.69
CA TRP A 182 17.99 12.39 -14.94
C TRP A 182 17.10 11.83 -16.05
N MET A 183 15.86 12.29 -16.15
CA MET A 183 15.04 11.82 -17.27
C MET A 183 15.65 12.14 -18.65
N TRP A 184 16.20 13.36 -18.80
CA TRP A 184 16.78 13.69 -20.10
C TRP A 184 17.80 12.65 -20.61
N TYR A 185 18.65 12.18 -19.69
CA TYR A 185 19.70 11.21 -20.06
C TYR A 185 19.11 9.94 -20.69
N PHE A 186 18.00 9.47 -20.14
CA PHE A 186 17.39 8.24 -20.63
C PHE A 186 16.58 8.49 -21.89
N VAL A 187 16.04 9.69 -22.03
CA VAL A 187 15.48 10.09 -23.33
C VAL A 187 16.56 9.98 -24.41
N LYS A 188 17.69 10.67 -24.16
CA LYS A 188 18.77 10.66 -25.14
C LYS A 188 19.24 9.25 -25.42
N LYS A 189 19.41 8.47 -24.34
CA LYS A 189 19.91 7.11 -24.45
C LYS A 189 18.98 6.24 -25.29
N ASP A 190 17.69 6.27 -24.99
CA ASP A 190 16.73 5.50 -25.78
C ASP A 190 16.71 5.94 -27.23
N LEU A 191 16.81 7.25 -27.46
CA LEU A 191 16.89 7.79 -28.81
C LEU A 191 18.11 7.26 -29.57
N LYS A 192 19.31 7.36 -28.98
CA LYS A 192 20.52 6.82 -29.61
C LYS A 192 20.35 5.37 -30.06
N GLU A 193 19.67 4.58 -29.24
CA GLU A 193 19.66 3.13 -29.40
C GLU A 193 18.55 2.60 -30.31
N GLY A 194 17.79 3.51 -30.92
CA GLY A 194 16.78 3.13 -31.89
C GLY A 194 15.50 2.60 -31.27
N ILE A 195 15.39 2.76 -29.96
CA ILE A 195 14.22 2.30 -29.22
C ILE A 195 13.01 3.20 -29.49
N ILE A 196 13.25 4.48 -29.72
CA ILE A 196 12.15 5.43 -29.94
C ILE A 196 11.73 5.45 -31.40
N PRO A 197 10.41 5.37 -31.65
CA PRO A 197 9.94 5.58 -33.02
C PRO A 197 10.21 7.02 -33.45
N ARG A 198 11.23 7.20 -34.27
CA ARG A 198 11.50 8.51 -34.85
C ARG A 198 10.23 8.85 -35.63
N ASP A 199 9.83 10.11 -35.57
CA ASP A 199 8.52 10.63 -36.04
C ASP A 199 7.47 10.67 -34.93
N LYS A 200 7.80 10.08 -33.77
CA LYS A 200 6.90 10.10 -32.62
C LYS A 200 7.65 10.39 -31.32
N LEU A 201 8.68 11.23 -31.41
CA LEU A 201 9.49 11.56 -30.23
C LEU A 201 8.66 12.22 -29.14
N ASP A 202 7.89 13.24 -29.55
CA ASP A 202 7.06 13.99 -28.61
C ASP A 202 6.05 13.06 -27.97
N TRP A 203 5.35 12.26 -28.77
CA TRP A 203 4.37 11.32 -28.22
C TRP A 203 5.01 10.44 -27.14
N TYR A 204 6.22 9.96 -27.43
CA TYR A 204 6.94 9.06 -26.53
C TYR A 204 7.29 9.74 -25.20
N ILE A 205 7.96 10.88 -25.30
CA ILE A 205 8.32 11.63 -24.11
C ILE A 205 7.06 11.88 -23.28
N GLU A 206 6.02 12.35 -23.95
CA GLU A 206 4.79 12.70 -23.27
C GLU A 206 4.07 11.48 -22.69
N GLN A 207 4.20 10.34 -23.38
CA GLN A 207 3.60 9.10 -22.90
C GLN A 207 4.27 8.73 -21.59
N HIS A 208 5.58 8.96 -21.51
CA HIS A 208 6.25 8.73 -20.23
C HIS A 208 5.91 9.76 -19.12
N PHE A 209 5.82 11.04 -19.50
CA PHE A 209 5.24 12.04 -18.60
C PHE A 209 3.92 11.50 -18.02
N GLN A 210 3.08 11.00 -18.93
CA GLN A 210 1.73 10.56 -18.60
C GLN A 210 1.75 9.34 -17.67
N ILE A 211 2.52 8.32 -18.05
CA ILE A 211 2.64 7.13 -17.21
C ILE A 211 3.04 7.53 -15.78
N LEU A 212 4.12 8.31 -15.67
CA LEU A 212 4.58 8.71 -14.34
C LEU A 212 3.49 9.47 -13.60
N THR A 213 2.95 10.50 -14.26
CA THR A 213 2.02 11.40 -13.59
C THR A 213 0.79 10.66 -13.11
N TYR A 214 0.22 9.82 -13.97
CA TYR A 214 -0.94 9.06 -13.58
C TYR A 214 -0.62 8.07 -12.45
N SER A 215 0.56 7.45 -12.50
CA SER A 215 0.96 6.60 -11.36
C SER A 215 1.07 7.37 -10.05
N LEU A 216 1.62 8.59 -10.11
CA LEU A 216 1.77 9.41 -8.91
C LEU A 216 0.46 9.95 -8.37
N ASN A 217 -0.64 9.70 -9.07
CA ASN A 217 -1.94 10.11 -8.55
C ASN A 217 -2.83 8.92 -8.23
N GLN A 218 -2.21 7.75 -8.06
CA GLN A 218 -2.87 6.52 -7.61
C GLN A 218 -2.88 6.42 -6.10
N PRO A 219 -3.93 5.82 -5.52
CA PRO A 219 -3.92 5.58 -4.08
C PRO A 219 -2.96 4.45 -3.71
N ILE A 220 -1.79 4.82 -3.19
CA ILE A 220 -0.81 3.81 -2.79
C ILE A 220 -0.19 4.17 -1.43
N ARG A 221 -0.54 5.35 -0.92
CA ARG A 221 -0.72 5.52 0.51
C ARG A 221 -2.16 5.09 0.81
N THR A 222 -2.87 4.67 -0.26
CA THR A 222 -4.16 3.98 -0.19
C THR A 222 -5.37 4.90 0.03
N THR A 223 -5.38 5.66 1.12
CA THR A 223 -6.45 6.62 1.30
C THR A 223 -6.31 7.68 0.20
N GLN A 224 -5.08 8.12 -0.04
CA GLN A 224 -4.81 9.21 -0.95
C GLN A 224 -3.49 8.94 -1.65
N SER A 225 -3.19 9.74 -2.66
CA SER A 225 -1.93 9.57 -3.38
C SER A 225 -0.78 9.98 -2.48
N PRO A 226 0.43 9.48 -2.77
CA PRO A 226 1.57 10.02 -2.01
C PRO A 226 1.73 11.49 -2.35
N TYR A 227 2.39 12.24 -1.49
CA TYR A 227 2.64 13.64 -1.74
C TYR A 227 4.00 13.74 -2.41
N THR A 228 4.02 14.15 -3.68
CA THR A 228 5.28 14.35 -4.41
C THR A 228 5.40 15.78 -4.92
N ASN A 229 6.63 16.23 -5.09
CA ASN A 229 6.96 17.56 -5.61
C ASN A 229 7.87 17.47 -6.81
N PHE A 230 7.58 18.28 -7.83
CA PHE A 230 8.53 18.51 -8.92
C PHE A 230 8.98 19.97 -8.81
N THR A 231 10.21 20.22 -9.24
CA THR A 231 10.78 21.56 -9.34
C THR A 231 11.35 21.79 -10.73
N TYR A 232 10.91 22.87 -11.37
CA TYR A 232 11.58 23.42 -12.52
C TYR A 232 12.80 24.19 -12.00
N LEU A 233 13.98 23.61 -12.21
CA LEU A 233 15.24 24.23 -11.85
C LEU A 233 15.67 25.20 -12.95
N ASP A 234 15.82 26.48 -12.62
CA ASP A 234 16.27 27.42 -13.63
C ASP A 234 17.75 27.15 -13.95
N ARG A 235 18.28 27.84 -14.94
CA ARG A 235 19.62 27.52 -15.44
C ARG A 235 20.69 27.70 -14.36
N ASN A 236 20.48 28.70 -13.52
CA ASN A 236 21.39 29.01 -12.43
C ASN A 236 21.47 27.85 -11.44
N TYR A 237 20.32 27.29 -11.11
CA TYR A 237 20.27 26.16 -10.19
C TYR A 237 20.86 24.88 -10.76
N ILE A 238 20.58 24.60 -12.03
CA ILE A 238 21.15 23.40 -12.66
C ILE A 238 22.66 23.54 -12.61
N LYS A 239 23.16 24.69 -13.07
CA LYS A 239 24.59 24.97 -13.07
C LYS A 239 25.21 24.87 -11.67
N ALA A 240 24.61 25.53 -10.70
CA ALA A 240 25.14 25.53 -9.33
C ALA A 240 25.13 24.13 -8.72
N ILE A 241 23.99 23.46 -8.78
CA ILE A 241 23.82 22.15 -8.13
C ILE A 241 24.69 21.08 -8.78
N PHE A 242 24.76 21.08 -10.12
CA PHE A 242 25.43 19.98 -10.81
C PHE A 242 26.81 20.30 -11.40
N GLU A 243 27.47 21.33 -10.87
CA GLU A 243 28.86 21.59 -11.22
C GLU A 243 29.70 20.35 -10.92
N GLY A 244 30.41 19.86 -11.93
CA GLY A 244 31.33 18.75 -11.75
C GLY A 244 30.71 17.36 -11.79
N GLU A 245 29.38 17.27 -11.69
CA GLU A 245 28.71 15.97 -11.71
C GLU A 245 28.59 15.40 -13.12
N ARG A 246 28.57 14.07 -13.21
CA ARG A 246 28.51 13.41 -14.51
C ARG A 246 27.35 12.44 -14.59
N TYR A 247 26.87 12.20 -15.82
CA TYR A 247 25.92 11.14 -16.09
C TYR A 247 26.68 9.80 -16.13
N PRO A 248 25.96 8.68 -16.24
CA PRO A 248 26.62 7.38 -16.35
C PRO A 248 27.54 7.26 -17.57
N ASP A 249 27.21 7.93 -18.67
CA ASP A 249 28.02 7.83 -19.90
C ASP A 249 29.28 8.68 -19.86
N GLY A 250 29.52 9.35 -18.73
CA GLY A 250 30.74 10.12 -18.55
C GLY A 250 30.57 11.61 -18.83
N SER A 251 29.49 11.98 -19.51
CA SER A 251 29.32 13.36 -19.92
C SER A 251 28.92 14.25 -18.75
N LEU A 252 29.41 15.49 -18.78
CA LEU A 252 29.16 16.47 -17.73
C LEU A 252 27.70 16.91 -17.79
N ILE A 253 27.03 16.88 -16.64
CA ILE A 253 25.62 17.28 -16.59
C ILE A 253 25.44 18.75 -17.00
N THR A 254 26.37 19.60 -16.61
CA THR A 254 26.29 21.03 -16.93
C THR A 254 26.41 21.29 -18.42
N ASP A 255 26.96 20.33 -19.17
CA ASP A 255 26.96 20.42 -20.63
C ASP A 255 25.57 20.26 -21.22
N HIS A 256 24.57 19.97 -20.39
CA HIS A 256 23.24 19.69 -20.91
C HIS A 256 22.12 20.54 -20.30
N VAL A 257 22.47 21.75 -19.87
CA VAL A 257 21.50 22.67 -19.27
C VAL A 257 20.32 22.94 -20.19
N GLU A 258 20.60 23.34 -21.43
CA GLU A 258 19.56 23.68 -22.38
C GLU A 258 18.66 22.47 -22.68
N ASP A 259 19.26 21.30 -22.79
CA ASP A 259 18.49 20.05 -22.97
C ASP A 259 17.58 19.79 -21.76
N ILE A 260 18.12 19.95 -20.56
CA ILE A 260 17.33 19.77 -19.35
C ILE A 260 16.19 20.78 -19.28
N ILE A 261 16.50 22.05 -19.54
CA ILE A 261 15.49 23.10 -19.52
C ILE A 261 14.36 22.80 -20.51
N ALA A 262 14.72 22.39 -21.72
CA ALA A 262 13.74 22.10 -22.76
C ALA A 262 12.82 20.96 -22.32
N LEU A 263 13.38 19.95 -21.68
CA LEU A 263 12.57 18.86 -21.18
C LEU A 263 11.64 19.34 -20.06
N GLN A 264 12.15 20.18 -19.16
CA GLN A 264 11.29 20.72 -18.10
C GLN A 264 10.16 21.50 -18.75
N LYS A 265 10.52 22.43 -19.64
CA LYS A 265 9.53 23.18 -20.40
C LYS A 265 8.52 22.24 -21.05
N HIS A 266 9.02 21.15 -21.63
CA HIS A 266 8.14 20.16 -22.24
C HIS A 266 7.14 19.62 -21.21
N TYR A 267 7.57 19.39 -19.97
CA TYR A 267 6.68 18.76 -19.02
C TYR A 267 5.60 19.73 -18.59
N TRP A 268 6.03 20.95 -18.28
CA TRP A 268 5.13 22.00 -17.86
C TRP A 268 4.04 22.27 -18.92
N GLU A 269 4.42 22.30 -20.19
CA GLU A 269 3.43 22.51 -21.25
C GLU A 269 2.45 21.33 -21.32
N TRP A 270 3.02 20.13 -21.33
CA TRP A 270 2.21 18.90 -21.37
C TRP A 270 1.17 18.89 -20.22
N VAL A 271 1.62 19.12 -18.99
CA VAL A 271 0.66 19.09 -17.88
C VAL A 271 -0.44 20.08 -18.17
N SER A 272 -0.11 21.20 -18.80
CA SER A 272 -1.09 22.27 -18.86
C SER A 272 -2.18 21.81 -19.82
N ARG A 273 -1.82 20.92 -20.73
CA ARG A 273 -2.80 20.48 -21.70
C ARG A 273 -3.59 19.36 -21.03
N GLU A 274 -2.88 18.60 -20.20
CA GLU A 274 -3.38 17.29 -19.82
C GLU A 274 -4.52 17.49 -18.86
N ARG A 275 -4.48 18.64 -18.17
CA ARG A 275 -5.48 18.94 -17.15
C ARG A 275 -6.85 18.95 -17.78
N GLU A 276 -6.95 19.24 -19.08
CA GLU A 276 -8.29 19.33 -19.64
C GLU A 276 -8.87 17.93 -19.76
N ARG A 277 -8.01 16.96 -20.01
CA ARG A 277 -8.45 15.57 -20.14
C ARG A 277 -8.70 14.96 -18.76
N GLN A 278 -7.92 15.39 -17.79
CA GLN A 278 -8.07 14.86 -16.43
C GLN A 278 -7.34 15.73 -15.42
N MET A 279 -8.06 16.23 -14.44
CA MET A 279 -7.45 17.03 -13.38
C MET A 279 -6.73 16.16 -12.37
N PHE A 280 -5.60 16.65 -11.88
CA PHE A 280 -4.79 15.92 -10.92
C PHE A 280 -4.04 16.90 -10.02
N THR A 281 -3.67 16.41 -8.84
CA THR A 281 -2.98 17.23 -7.85
C THR A 281 -1.47 17.13 -8.01
N PHE A 282 -0.99 15.91 -8.24
CA PHE A 282 0.43 15.65 -8.12
C PHE A 282 1.11 15.43 -9.46
N PRO A 283 2.43 15.68 -9.52
CA PRO A 283 3.23 16.28 -8.45
C PRO A 283 3.02 17.79 -8.33
N VAL A 284 3.12 18.29 -7.11
CA VAL A 284 3.03 19.73 -6.87
C VAL A 284 4.18 20.41 -7.60
N LEU A 285 3.83 21.45 -8.35
CA LEU A 285 4.81 22.09 -9.23
C LEU A 285 5.38 23.35 -8.59
N THR A 286 6.70 23.37 -8.43
CA THR A 286 7.40 24.61 -8.09
C THR A 286 8.39 24.97 -9.21
N ALA A 287 8.54 26.28 -9.44
CA ALA A 287 9.62 26.78 -10.28
C ALA A 287 10.59 27.58 -9.39
N SER A 288 11.85 27.19 -9.44
CA SER A 288 12.86 27.78 -8.58
C SER A 288 13.77 28.70 -9.37
N LEU A 289 13.69 29.99 -9.07
CA LEU A 289 14.35 31.03 -9.85
C LEU A 289 15.23 31.95 -9.03
N LEU A 290 16.40 32.25 -9.58
CA LEU A 290 17.33 33.15 -8.96
C LEU A 290 16.99 34.57 -9.40
N TYR A 291 16.76 35.43 -8.42
CA TYR A 291 16.29 36.79 -8.68
C TYR A 291 17.12 37.70 -7.80
N LYS A 292 17.70 38.72 -8.40
CA LYS A 292 18.69 39.55 -7.73
C LYS A 292 18.64 40.94 -8.34
N ASP A 293 18.62 41.95 -7.48
CA ASP A 293 18.69 43.35 -7.90
C ASP A 293 17.62 43.70 -8.92
N GLY A 294 16.40 43.25 -8.67
CA GLY A 294 15.27 43.64 -9.47
C GLY A 294 15.12 42.92 -10.80
N LYS A 295 15.84 41.82 -10.98
CA LYS A 295 15.66 41.01 -12.19
C LYS A 295 15.97 39.52 -11.98
N PHE A 296 15.34 38.70 -12.80
CA PHE A 296 15.63 37.27 -12.85
C PHE A 296 16.93 37.06 -13.61
N LEU A 297 17.81 36.21 -13.08
CA LEU A 297 19.04 35.88 -13.78
C LEU A 297 18.81 34.85 -14.88
N ASP A 298 17.67 34.15 -14.81
CA ASP A 298 17.20 33.32 -15.92
C ASP A 298 15.84 33.84 -16.37
N GLU A 299 15.83 34.93 -17.14
CA GLU A 299 14.56 35.56 -17.47
C GLU A 299 13.74 34.70 -18.45
N ASP A 300 14.41 33.95 -19.31
CA ASP A 300 13.74 33.06 -20.24
C ASP A 300 12.81 32.10 -19.47
N SER A 301 13.36 31.43 -18.46
CA SER A 301 12.58 30.49 -17.66
C SER A 301 11.45 31.21 -16.91
N ALA A 302 11.73 32.41 -16.42
CA ALA A 302 10.74 33.15 -15.65
C ALA A 302 9.55 33.52 -16.52
N ARG A 303 9.84 34.03 -17.72
CA ARG A 303 8.78 34.36 -18.66
C ARG A 303 8.04 33.11 -19.11
N PHE A 304 8.76 32.01 -19.31
CA PHE A 304 8.12 30.73 -19.60
C PHE A 304 7.11 30.32 -18.52
N ILE A 305 7.55 30.27 -17.26
CA ILE A 305 6.67 29.92 -16.16
C ILE A 305 5.49 30.89 -16.09
N ASN A 306 5.76 32.19 -16.22
CA ASN A 306 4.70 33.18 -16.20
C ASN A 306 3.65 32.92 -17.30
N LYS A 307 4.13 32.63 -18.51
CA LYS A 307 3.24 32.29 -19.62
C LYS A 307 2.43 31.01 -19.37
N ILE A 308 3.10 29.93 -18.99
CA ILE A 308 2.38 28.67 -18.82
C ILE A 308 1.40 28.75 -17.65
N ASN A 309 1.74 29.49 -16.61
CA ASN A 309 0.83 29.63 -15.48
C ASN A 309 -0.49 30.32 -15.80
N MET A 310 -0.59 31.01 -16.92
CA MET A 310 -1.79 31.79 -17.23
C MET A 310 -3.06 30.93 -17.24
N LYS A 311 -2.92 29.68 -17.65
CA LYS A 311 -4.11 28.85 -17.81
C LYS A 311 -4.68 28.38 -16.47
N TRP A 312 -3.86 27.70 -15.67
CA TRP A 312 -4.33 27.05 -14.45
C TRP A 312 -3.72 27.62 -13.16
N GLN A 313 -2.69 28.45 -13.31
CA GLN A 313 -1.87 28.90 -12.17
C GLN A 313 -1.56 27.72 -11.25
N ASP A 314 -1.01 26.67 -11.85
CA ASP A 314 -0.76 25.41 -11.15
C ASP A 314 0.67 25.29 -10.63
N THR A 315 1.48 26.33 -10.83
CA THR A 315 2.88 26.30 -10.39
C THR A 315 3.13 27.40 -9.34
N ASN A 316 3.83 27.00 -8.28
CA ASN A 316 4.25 27.90 -7.24
C ASN A 316 5.60 28.52 -7.58
N TRP A 317 5.75 29.79 -7.28
CA TRP A 317 6.98 30.52 -7.51
C TRP A 317 7.91 30.50 -6.30
N TYR A 318 9.10 29.94 -6.48
CA TYR A 318 10.18 29.98 -5.50
C TYR A 318 11.21 31.03 -5.94
N ILE A 319 11.46 31.98 -5.06
CA ILE A 319 12.40 33.07 -5.32
C ILE A 319 13.55 33.00 -4.32
N SER A 320 14.77 33.00 -4.83
CA SER A 320 15.98 33.05 -4.00
C SER A 320 16.91 34.11 -4.54
N ASP A 321 17.66 34.76 -3.65
CA ASP A 321 18.60 35.80 -4.04
C ASP A 321 20.00 35.24 -4.18
N SER A 322 20.16 33.95 -3.90
CA SER A 322 21.47 33.32 -3.87
C SER A 322 21.38 31.83 -4.15
N ILE A 323 22.46 31.27 -4.71
CA ILE A 323 22.58 29.84 -4.93
C ILE A 323 23.71 29.23 -4.08
N ASP A 324 24.22 30.00 -3.14
CA ASP A 324 25.30 29.53 -2.26
C ASP A 324 24.91 28.26 -1.50
N ALA A 325 23.64 28.16 -1.13
CA ALA A 325 23.19 27.07 -0.27
C ALA A 325 23.06 25.75 -1.02
N VAL A 326 22.80 25.84 -2.33
CA VAL A 326 22.67 24.67 -3.18
C VAL A 326 23.95 24.39 -3.97
N ALA A 327 24.98 25.20 -3.73
CA ALA A 327 26.25 25.07 -4.46
C ALA A 327 26.83 23.67 -4.36
N SER A 328 27.24 23.12 -5.51
CA SER A 328 27.80 21.78 -5.60
C SER A 328 26.84 20.73 -5.05
N LYS A 351 26.38 22.96 10.07
CA LYS A 351 25.05 23.55 10.17
C LYS A 351 24.35 23.53 8.81
N LEU A 352 23.06 23.23 8.82
CA LEU A 352 22.29 23.05 7.60
C LEU A 352 21.75 24.39 7.10
N LYS A 353 21.74 24.60 5.77
CA LYS A 353 21.41 25.91 5.21
C LYS A 353 20.27 26.01 4.19
N GLY A 354 20.00 24.95 3.44
CA GLY A 354 19.01 25.00 2.37
C GLY A 354 17.56 25.17 2.80
N ARG A 355 16.71 25.52 1.84
CA ARG A 355 15.31 25.78 2.13
C ARG A 355 14.49 24.52 2.35
N MET A 356 13.68 24.57 3.40
CA MET A 356 12.75 23.50 3.79
C MET A 356 11.35 24.11 3.84
N ASN A 357 10.45 23.53 3.05
CA ASN A 357 9.08 23.99 2.95
C ASN A 357 8.18 22.77 2.73
N SER A 358 7.14 22.63 3.56
CA SER A 358 6.26 21.45 3.51
C SER A 358 5.36 21.39 2.27
N ILE A 359 5.15 22.54 1.64
CA ILE A 359 4.30 22.60 0.45
C ILE A 359 5.10 22.21 -0.80
N GLY A 360 6.21 22.88 -1.00
CA GLY A 360 7.03 22.68 -2.18
C GLY A 360 8.25 23.55 -2.18
N GLY A 361 9.18 23.26 -3.08
CA GLY A 361 10.34 24.07 -3.26
C GLY A 361 11.47 23.78 -2.30
N SER A 362 11.36 22.71 -1.49
CA SER A 362 12.50 22.31 -0.66
C SER A 362 13.66 22.01 -1.58
N ASP A 363 14.84 22.46 -1.20
CA ASP A 363 16.04 22.31 -2.01
C ASP A 363 16.46 20.85 -2.05
N LEU A 364 17.21 20.49 -3.09
CA LEU A 364 17.75 19.14 -3.24
C LEU A 364 18.50 18.69 -1.99
N ASN A 365 18.22 17.46 -1.57
CA ASN A 365 18.82 16.87 -0.37
C ASN A 365 18.58 17.67 0.91
N ILE A 366 17.37 18.21 1.04
CA ILE A 366 16.95 18.87 2.27
C ILE A 366 15.63 18.25 2.72
N GLY A 367 15.47 18.06 4.02
CA GLY A 367 14.20 17.63 4.54
C GLY A 367 14.05 18.02 5.99
N SER A 368 12.98 17.52 6.60
CA SER A 368 12.75 17.65 8.04
C SER A 368 12.35 16.28 8.58
N PHE A 369 12.87 15.91 9.74
CA PHE A 369 12.51 14.60 10.31
C PHE A 369 11.21 14.67 11.11
N LYS A 370 10.84 15.87 11.53
CA LYS A 370 9.61 16.07 12.29
C LYS A 370 9.34 17.55 12.51
N VAL A 371 8.07 17.90 12.44
CA VAL A 371 7.61 19.22 12.79
C VAL A 371 6.80 19.16 14.10
N ILE A 372 7.11 20.08 15.01
CA ILE A 372 6.24 20.29 16.16
C ILE A 372 5.90 21.76 16.19
N THR A 373 4.60 22.05 16.18
CA THR A 373 4.11 23.42 16.08
C THR A 373 3.75 24.05 17.42
N VAL A 374 4.11 25.33 17.58
CA VAL A 374 3.67 26.15 18.72
C VAL A 374 2.30 26.75 18.44
N ASN A 375 1.38 26.58 19.37
CA ASN A 375 0.08 27.23 19.30
C ASN A 375 0.21 28.68 19.79
N LEU A 376 0.33 29.63 18.87
CA LEU A 376 0.53 31.04 19.25
C LEU A 376 -0.70 31.69 19.90
N PRO A 377 -1.91 31.36 19.40
CA PRO A 377 -3.12 31.82 20.08
C PRO A 377 -3.21 31.37 21.55
N ARG A 378 -2.77 30.14 21.85
CA ARG A 378 -2.73 29.69 23.24
C ARG A 378 -1.94 30.68 24.06
N ILE A 379 -0.79 31.08 23.51
CA ILE A 379 0.09 31.99 24.24
C ILE A 379 -0.61 33.34 24.40
N ALA A 380 -1.23 33.83 23.33
CA ALA A 380 -2.02 35.07 23.44
C ALA A 380 -3.02 34.98 24.60
N LEU A 381 -3.75 33.87 24.64
CA LEU A 381 -4.76 33.65 25.69
C LEU A 381 -4.17 33.54 27.10
N GLU A 382 -3.03 32.84 27.23
CA GLU A 382 -2.37 32.73 28.53
C GLU A 382 -1.78 34.08 28.98
N SER A 383 -1.30 34.87 28.03
CA SER A 383 -0.63 36.13 28.38
C SER A 383 -1.56 37.21 28.94
N GLY A 384 -2.85 37.15 28.60
CA GLY A 384 -3.79 38.18 29.02
C GLY A 384 -3.54 39.54 28.37
N GLY A 385 -2.70 39.57 27.33
CA GLY A 385 -2.37 40.81 26.64
C GLY A 385 -0.99 41.35 27.00
N ASP A 386 -0.36 40.77 28.01
CA ASP A 386 0.98 41.16 28.46
C ASP A 386 2.03 40.59 27.51
N ARG A 387 2.67 41.46 26.74
CA ARG A 387 3.59 41.02 25.69
C ARG A 387 4.88 40.40 26.25
N GLU A 388 5.31 40.88 27.41
CA GLU A 388 6.51 40.36 28.05
C GLU A 388 6.32 38.92 28.46
N LYS A 389 5.23 38.69 29.19
CA LYS A 389 4.83 37.35 29.61
C LYS A 389 4.67 36.45 28.38
N TYR A 390 3.98 36.95 27.38
CA TYR A 390 3.82 36.24 26.11
C TYR A 390 5.18 35.75 25.62
N LEU A 391 6.13 36.67 25.48
CA LEU A 391 7.46 36.25 25.00
C LEU A 391 8.20 35.27 25.94
N GLN A 392 8.05 35.45 27.26
CA GLN A 392 8.60 34.45 28.21
C GLN A 392 8.04 33.03 27.98
N ILE A 393 6.71 32.95 27.96
CA ILE A 393 6.04 31.68 27.66
C ILE A 393 6.50 31.11 26.31
N LEU A 394 6.49 31.95 25.28
CA LEU A 394 6.90 31.52 23.95
C LEU A 394 8.28 30.88 23.97
N ARG A 395 9.25 31.63 24.52
CA ARG A 395 10.62 31.12 24.61
C ARG A 395 10.69 29.77 25.31
N HIS A 396 10.04 29.69 26.48
CA HIS A 396 10.01 28.43 27.22
C HIS A 396 9.45 27.27 26.38
N ARG A 397 8.28 27.51 25.80
CA ARG A 397 7.59 26.48 25.02
C ARG A 397 8.42 26.02 23.80
N VAL A 398 9.09 26.98 23.14
CA VAL A 398 10.00 26.62 22.06
C VAL A 398 11.18 25.77 22.56
N GLN A 399 11.74 26.12 23.72
CA GLN A 399 12.77 25.25 24.31
C GLN A 399 12.23 23.81 24.56
N LEU A 400 11.02 23.72 25.10
CA LEU A 400 10.38 22.41 25.26
C LEU A 400 10.29 21.66 23.92
N ILE A 401 9.80 22.37 22.91
CA ILE A 401 9.69 21.79 21.57
C ILE A 401 11.05 21.30 21.05
N LYS A 402 12.10 22.09 21.25
CA LYS A 402 13.44 21.63 20.86
C LYS A 402 13.79 20.31 21.56
N LYS A 403 13.51 20.24 22.86
CA LYS A 403 13.74 18.98 23.58
C LYS A 403 12.95 17.78 23.00
N ALA A 404 11.66 17.98 22.73
CA ALA A 404 10.87 16.90 22.11
C ALA A 404 11.44 16.48 20.75
N LEU A 405 11.83 17.46 19.92
CA LEU A 405 12.45 17.15 18.63
C LEU A 405 13.74 16.34 18.80
N ALA A 406 14.59 16.76 19.74
CA ALA A 406 15.81 16.00 20.04
C ALA A 406 15.48 14.54 20.39
N ALA A 407 14.46 14.38 21.25
CA ALA A 407 14.00 13.03 21.60
C ALA A 407 13.53 12.22 20.37
N VAL A 408 12.68 12.82 19.55
CA VAL A 408 12.23 12.15 18.32
C VAL A 408 13.43 11.76 17.44
N ARG A 409 14.39 12.66 17.28
CA ARG A 409 15.58 12.33 16.50
C ARG A 409 16.32 11.11 17.08
N GLU A 410 16.52 11.11 18.40
CA GLU A 410 17.11 9.91 19.03
C GLU A 410 16.32 8.64 18.71
N ILE A 411 14.99 8.74 18.79
CA ILE A 411 14.14 7.60 18.45
C ILE A 411 14.32 7.14 16.99
N ILE A 412 14.30 8.07 16.04
CA ILE A 412 14.58 7.75 14.65
C ILE A 412 15.89 7.01 14.54
N LYS A 413 16.92 7.52 15.21
CA LYS A 413 18.22 6.86 15.20
C LYS A 413 18.13 5.42 15.69
N GLU A 414 17.39 5.21 16.78
CA GLU A 414 17.11 3.83 17.21
C GLU A 414 16.45 3.00 16.11
N ARG A 415 15.44 3.57 15.45
CA ARG A 415 14.76 2.85 14.37
C ARG A 415 15.72 2.50 13.22
N ILE A 416 16.64 3.42 12.93
CA ILE A 416 17.65 3.14 11.93
C ILE A 416 18.51 1.98 12.38
N SER A 417 18.97 2.04 13.63
CA SER A 417 19.81 0.98 14.16
C SER A 417 19.10 -0.39 14.17
N GLU A 418 17.79 -0.38 14.33
CA GLU A 418 17.00 -1.61 14.37
C GLU A 418 16.72 -2.14 12.97
N GLY A 419 17.18 -1.40 11.96
CA GLY A 419 17.05 -1.82 10.58
C GLY A 419 15.66 -1.65 10.01
N LEU A 420 14.91 -0.71 10.56
CA LEU A 420 13.53 -0.50 10.17
C LEU A 420 13.35 0.59 9.11
N LEU A 421 14.40 1.38 8.89
CA LEU A 421 14.32 2.52 7.99
C LEU A 421 15.43 2.49 6.92
N PRO A 422 15.29 1.59 5.94
CA PRO A 422 16.33 1.41 4.91
C PRO A 422 16.60 2.60 3.99
N LEU A 423 15.69 3.57 3.90
CA LEU A 423 15.98 4.79 3.16
C LEU A 423 17.25 5.47 3.67
N TYR A 424 17.50 5.36 4.98
CA TYR A 424 18.71 5.93 5.57
C TYR A 424 19.91 5.05 5.28
N GLU A 425 19.75 3.74 5.40
CA GLU A 425 20.86 2.80 5.19
C GLU A 425 21.38 2.87 3.75
N ASN A 426 20.50 3.17 2.81
CA ASN A 426 20.86 3.21 1.39
C ASN A 426 21.20 4.61 0.89
N GLY A 427 21.29 5.57 1.81
CA GLY A 427 21.76 6.90 1.48
C GLY A 427 20.83 7.69 0.58
N LEU A 428 19.53 7.41 0.68
CA LEU A 428 18.53 8.18 -0.03
C LEU A 428 18.03 9.30 0.86
N MET A 429 17.61 8.93 2.06
CA MET A 429 17.28 9.91 3.09
C MET A 429 18.53 10.12 3.95
N LEU A 430 18.88 11.38 4.19
CA LEU A 430 20.10 11.72 4.92
C LEU A 430 19.73 12.48 6.18
N LEU A 431 19.97 11.85 7.33
CA LEU A 431 19.53 12.41 8.61
C LEU A 431 20.21 13.75 8.90
N ASN A 432 21.48 13.88 8.56
CA ASN A 432 22.20 15.15 8.78
C ASN A 432 21.78 16.27 7.80
N ARG A 433 20.92 15.92 6.85
CA ARG A 433 20.35 16.91 5.96
C ARG A 433 18.88 17.13 6.27
N GLN A 434 18.49 16.71 7.47
CA GLN A 434 17.12 16.90 7.95
C GLN A 434 17.08 17.81 9.18
N TYR A 435 16.31 18.89 9.06
CA TYR A 435 16.07 19.78 10.17
C TYR A 435 15.14 19.13 11.18
N GLY A 436 15.15 19.64 12.39
CA GLY A 436 14.02 19.53 13.29
C GLY A 436 13.24 20.83 13.14
N THR A 437 11.94 20.74 12.95
CA THR A 437 11.15 21.92 12.60
C THR A 437 10.25 22.41 13.73
N ILE A 438 10.49 23.67 14.10
CA ILE A 438 9.59 24.40 14.96
C ILE A 438 8.51 25.04 14.10
N GLY A 439 7.29 24.54 14.22
CA GLY A 439 6.18 25.10 13.48
C GLY A 439 5.54 26.26 14.21
N VAL A 440 4.92 27.15 13.44
CA VAL A 440 4.07 28.19 14.00
C VAL A 440 2.77 28.23 13.23
N THR A 441 1.70 28.55 13.94
CA THR A 441 0.40 28.75 13.32
C THR A 441 -0.39 29.75 14.16
N GLY A 442 -1.38 30.36 13.54
CA GLY A 442 -2.22 31.35 14.20
C GLY A 442 -1.51 32.63 14.60
N VAL A 443 -0.59 33.10 13.77
CA VAL A 443 0.10 34.37 14.05
C VAL A 443 -0.92 35.51 14.11
N TRP A 444 -1.75 35.59 13.07
CA TRP A 444 -2.79 36.60 13.00
C TRP A 444 -3.72 36.58 14.22
N GLU A 445 -4.30 35.43 14.48
CA GLU A 445 -5.25 35.27 15.56
C GLU A 445 -4.59 35.61 16.89
N SER A 446 -3.33 35.20 17.03
CA SER A 446 -2.56 35.51 18.22
C SER A 446 -2.46 37.02 18.39
N ALA A 447 -1.99 37.72 17.35
CA ALA A 447 -1.91 39.18 17.41
C ALA A 447 -3.27 39.80 17.67
N SER A 448 -4.32 39.20 17.12
CA SER A 448 -5.68 39.71 17.31
C SER A 448 -6.09 39.63 18.78
N ILE A 449 -5.90 38.46 19.39
CA ILE A 449 -6.21 38.28 20.80
C ILE A 449 -5.42 39.26 21.68
N MET A 450 -4.22 39.62 21.22
CA MET A 450 -3.39 40.59 21.96
C MET A 450 -3.88 42.04 21.78
N GLY A 451 -4.78 42.26 20.82
CA GLY A 451 -5.30 43.59 20.55
C GLY A 451 -4.36 44.39 19.67
N LEU A 452 -3.70 43.69 18.73
CA LEU A 452 -2.64 44.26 17.92
C LEU A 452 -2.95 44.22 16.42
N THR A 453 -4.24 44.08 16.10
CA THR A 453 -4.68 44.10 14.71
C THR A 453 -5.79 45.13 14.60
N THR A 454 -6.00 45.62 13.39
CA THR A 454 -7.01 46.65 13.17
C THR A 454 -7.52 46.61 11.74
N GLU A 455 -8.41 47.55 11.44
CA GLU A 455 -9.04 47.64 10.12
C GLU A 455 -9.26 49.10 9.73
N ASP A 456 -8.47 49.58 8.79
CA ASP A 456 -8.69 50.91 8.22
C ASP A 456 -9.56 50.79 6.98
N ILE A 457 -9.21 51.51 5.92
CA ILE A 457 -9.97 51.47 4.68
C ILE A 457 -9.38 50.43 3.74
N ASP A 458 -8.08 50.18 3.90
CA ASP A 458 -7.40 49.16 3.11
C ASP A 458 -7.62 47.76 3.68
N GLY A 459 -8.53 47.66 4.66
CA GLY A 459 -8.93 46.38 5.21
C GLY A 459 -8.21 45.98 6.48
N LEU A 460 -8.23 44.69 6.79
CA LEU A 460 -7.57 44.18 8.00
C LEU A 460 -6.05 44.25 7.89
N LYS A 461 -5.41 44.63 9.00
CA LYS A 461 -3.95 44.68 9.04
C LYS A 461 -3.44 44.62 10.49
N TYR A 462 -2.14 44.43 10.63
CA TYR A 462 -1.46 44.59 11.91
C TYR A 462 -1.29 46.07 12.25
N THR A 463 -1.34 46.41 13.54
CA THR A 463 -0.96 47.75 13.97
C THR A 463 0.57 47.80 13.94
N GLU A 464 1.16 48.98 14.04
CA GLU A 464 2.62 49.10 14.01
C GLU A 464 3.24 48.27 15.12
N GLU A 465 2.70 48.44 16.32
CA GLU A 465 3.14 47.66 17.47
C GLU A 465 2.90 46.18 17.24
N GLY A 466 1.88 45.84 16.47
CA GLY A 466 1.61 44.47 16.09
C GLY A 466 2.68 43.91 15.18
N GLU A 467 3.11 44.73 14.22
CA GLU A 467 4.19 44.33 13.33
C GLU A 467 5.45 44.11 14.15
N VAL A 468 5.70 45.04 15.08
CA VAL A 468 6.82 44.87 16.01
C VAL A 468 6.67 43.59 16.84
N PHE A 469 5.44 43.32 17.30
CA PHE A 469 5.17 42.09 18.05
C PHE A 469 5.54 40.84 17.24
N VAL A 470 5.03 40.76 16.01
CA VAL A 470 5.39 39.62 15.16
C VAL A 470 6.91 39.55 14.95
N ASP A 471 7.53 40.70 14.67
CA ASP A 471 9.01 40.78 14.57
C ASP A 471 9.66 40.09 15.77
N ASN A 472 9.27 40.52 16.97
CA ASN A 472 9.81 39.94 18.20
C ASN A 472 9.53 38.44 18.39
N VAL A 473 8.31 38.01 18.11
CA VAL A 473 7.97 36.58 18.18
C VAL A 473 8.90 35.75 17.27
N LEU A 474 8.99 36.17 16.00
CA LEU A 474 9.79 35.40 15.06
C LEU A 474 11.27 35.50 15.40
N ASP A 475 11.71 36.66 15.88
CA ASP A 475 13.10 36.81 16.30
C ASP A 475 13.42 35.86 17.48
N THR A 476 12.52 35.77 18.45
CA THR A 476 12.68 34.84 19.58
C THR A 476 12.80 33.40 19.07
N ILE A 477 11.85 33.01 18.23
CA ILE A 477 11.90 31.63 17.72
C ILE A 477 13.22 31.39 16.96
N ARG A 478 13.62 32.37 16.14
CA ARG A 478 14.92 32.31 15.44
C ARG A 478 16.11 32.12 16.38
N GLU A 479 16.21 32.99 17.39
CA GLU A 479 17.25 32.87 18.42
C GLU A 479 17.32 31.45 18.97
N GLU A 480 16.17 30.95 19.40
CA GLU A 480 16.15 29.58 19.94
C GLU A 480 16.56 28.53 18.90
N ALA A 481 16.07 28.69 17.68
CA ALA A 481 16.43 27.75 16.61
C ALA A 481 17.94 27.73 16.40
N GLU A 482 18.56 28.91 16.41
CA GLU A 482 20.01 29.02 16.25
C GLU A 482 20.79 28.44 17.44
N LYS A 483 20.32 28.70 18.65
CA LYS A 483 20.96 28.11 19.84
C LYS A 483 20.88 26.57 19.81
N GLY A 484 19.76 26.07 19.29
CA GLY A 484 19.54 24.63 19.12
C GLY A 484 20.69 23.84 18.52
N TYR A 485 21.36 24.41 17.52
CA TYR A 485 22.46 23.71 16.86
C TYR A 485 23.55 23.32 17.85
N HIS A 486 24.01 24.32 18.61
CA HIS A 486 25.05 24.08 19.60
C HIS A 486 24.50 23.32 20.81
N GLU A 487 23.21 23.48 21.10
CA GLU A 487 22.59 22.71 22.17
C GLU A 487 22.46 21.19 21.91
N TYR A 488 21.93 20.80 20.74
CA TYR A 488 21.53 19.40 20.51
C TYR A 488 22.29 18.68 19.38
N GLY A 489 23.10 19.42 18.63
CA GLY A 489 23.97 18.83 17.63
C GLY A 489 23.35 18.65 16.24
N PHE A 490 22.20 19.26 16.00
CA PHE A 490 21.59 19.25 14.67
C PHE A 490 20.82 20.55 14.48
N THR A 491 20.45 20.83 13.25
CA THR A 491 19.92 22.15 12.88
C THR A 491 18.41 22.22 12.98
N PHE A 492 17.91 23.31 13.55
CA PHE A 492 16.48 23.59 13.60
C PHE A 492 16.08 24.61 12.54
N ASN A 493 14.92 24.42 11.91
CA ASN A 493 14.31 25.44 11.08
C ASN A 493 12.95 25.84 11.64
N ILE A 494 12.33 26.82 10.99
CA ILE A 494 11.01 27.30 11.37
C ILE A 494 10.13 27.30 10.13
N GLU A 495 8.87 26.89 10.30
CA GLU A 495 7.91 26.97 9.21
C GLU A 495 6.56 27.43 9.73
N GLN A 496 5.94 28.33 8.96
CA GLN A 496 4.53 28.62 9.13
C GLN A 496 3.80 27.52 8.39
N VAL A 497 3.41 26.50 9.14
CA VAL A 497 2.99 25.23 8.55
C VAL A 497 1.63 25.30 7.88
N PRO A 498 1.36 24.41 6.90
CA PRO A 498 0.02 24.37 6.30
C PRO A 498 -1.09 24.13 7.33
N ALA A 499 -0.84 23.28 8.31
CA ALA A 499 -1.76 23.10 9.44
C ALA A 499 -3.17 22.72 9.00
N GLU A 500 -3.29 21.77 8.08
CA GLU A 500 -4.60 21.44 7.53
C GLU A 500 -5.53 20.94 8.64
N LYS A 501 -4.98 20.18 9.57
CA LYS A 501 -5.73 19.67 10.70
C LYS A 501 -5.50 20.57 11.91
N ALA A 502 -4.23 20.88 12.20
CA ALA A 502 -3.86 21.60 13.41
C ALA A 502 -4.60 22.92 13.56
N ALA A 503 -4.82 23.60 12.44
CA ALA A 503 -5.49 24.89 12.44
C ALA A 503 -6.86 24.81 13.08
N VAL A 504 -7.54 23.68 12.92
CA VAL A 504 -8.87 23.49 13.47
C VAL A 504 -8.79 22.91 14.88
N THR A 505 -7.99 21.85 15.03
CA THR A 505 -7.86 21.16 16.31
C THR A 505 -7.43 22.12 17.41
N LEU A 506 -6.42 22.94 17.13
CA LEU A 506 -5.91 23.85 18.13
C LEU A 506 -6.97 24.89 18.52
N ALA A 507 -7.61 25.47 17.51
CA ALA A 507 -8.70 26.41 17.75
C ALA A 507 -9.79 25.78 18.61
N GLN A 508 -10.14 24.53 18.30
CA GLN A 508 -11.13 23.82 19.10
C GLN A 508 -10.70 23.62 20.55
N LYS A 509 -9.49 23.12 20.75
CA LYS A 509 -8.98 22.96 22.12
C LYS A 509 -8.97 24.29 22.88
N ASP A 510 -8.51 25.34 22.22
CA ASP A 510 -8.47 26.66 22.87
C ASP A 510 -9.88 27.17 23.17
N ARG A 511 -10.82 26.91 22.27
CA ARG A 511 -12.21 27.26 22.50
C ARG A 511 -12.70 26.51 23.73
N PHE A 512 -12.31 25.24 23.83
CA PHE A 512 -12.69 24.44 24.98
C PHE A 512 -12.12 24.99 26.28
N LEU A 513 -10.84 25.37 26.27
CA LEU A 513 -10.21 25.87 27.50
C LEU A 513 -10.57 27.32 27.87
N PHE A 514 -10.78 28.18 26.87
CA PHE A 514 -10.93 29.61 27.12
C PHE A 514 -12.28 30.21 26.71
N GLY A 515 -13.12 29.43 26.04
CA GLY A 515 -14.45 29.89 25.71
C GLY A 515 -14.49 31.09 24.78
N GLU A 516 -15.27 32.10 25.15
CA GLU A 516 -15.52 33.24 24.27
C GLU A 516 -14.29 34.13 24.05
N LYS A 517 -13.22 33.88 24.78
CA LYS A 517 -11.98 34.62 24.61
C LYS A 517 -11.26 34.21 23.33
N GLN A 518 -11.63 33.06 22.80
CA GLN A 518 -11.07 32.55 21.54
C GLN A 518 -12.20 32.51 20.51
N PRO A 519 -12.33 33.58 19.71
CA PRO A 519 -13.49 33.73 18.84
C PRO A 519 -13.35 33.14 17.43
N PHE A 520 -12.23 32.49 17.14
CA PHE A 520 -11.94 32.01 15.78
C PHE A 520 -12.24 30.52 15.56
N GLU A 521 -12.98 30.23 14.51
CA GLU A 521 -13.30 28.86 14.12
C GLU A 521 -12.06 28.08 13.61
N ILE A 522 -11.09 28.81 13.05
CA ILE A 522 -9.87 28.21 12.54
C ILE A 522 -8.72 29.19 12.65
N TYR A 523 -7.50 28.67 12.83
CA TYR A 523 -6.30 29.50 12.84
C TYR A 523 -5.72 29.56 11.43
N SER A 524 -4.92 30.59 11.18
CA SER A 524 -4.43 30.91 9.84
C SER A 524 -3.03 30.39 9.58
N ASN A 525 -2.73 30.10 8.32
CA ASN A 525 -1.46 29.53 7.93
C ASN A 525 -0.70 30.44 6.98
N GLN A 526 -1.18 31.68 6.87
CA GLN A 526 -0.45 32.76 6.20
C GLN A 526 -0.37 33.93 7.18
N TRP A 527 0.52 34.88 6.92
CA TRP A 527 0.73 36.00 7.85
C TRP A 527 -0.55 36.79 8.08
N VAL A 528 -1.36 36.93 7.04
CA VAL A 528 -2.72 37.44 7.16
C VAL A 528 -3.67 36.41 6.51
N PRO A 529 -4.86 36.16 7.11
CA PRO A 529 -5.75 35.09 6.63
C PRO A 529 -6.17 35.22 5.15
N LEU A 530 -6.16 34.10 4.44
CA LEU A 530 -6.48 34.06 3.01
C LEU A 530 -7.77 34.83 2.67
N MET A 531 -8.81 34.64 3.48
CA MET A 531 -10.11 35.22 3.19
C MET A 531 -10.35 36.49 4.00
N ALA A 532 -9.26 37.18 4.34
CA ALA A 532 -9.37 38.45 5.05
C ALA A 532 -9.52 39.58 4.05
N ASN A 533 -10.44 40.51 4.36
CA ASN A 533 -10.57 41.74 3.62
C ASN A 533 -9.30 42.54 3.81
N THR A 534 -8.35 42.38 2.89
CA THR A 534 -7.03 42.98 3.04
C THR A 534 -6.42 43.35 1.69
N ASP A 535 -5.85 44.54 1.63
CA ASP A 535 -5.16 45.03 0.43
C ASP A 535 -3.99 44.10 0.15
N VAL A 536 -3.85 43.70 -1.11
CA VAL A 536 -2.81 42.73 -1.46
C VAL A 536 -1.41 43.30 -1.16
N LEU A 537 -1.26 44.61 -1.28
CA LEU A 537 0.01 45.27 -0.96
C LEU A 537 0.45 44.95 0.46
N ASN A 538 -0.51 44.92 1.39
CA ASN A 538 -0.21 44.53 2.76
C ASN A 538 0.25 43.09 2.88
N ARG A 539 -0.48 42.16 2.24
CA ARG A 539 -0.07 40.76 2.25
C ARG A 539 1.37 40.63 1.79
N ILE A 540 1.64 41.27 0.65
CA ILE A 540 2.97 41.22 0.04
C ILE A 540 4.01 41.80 0.97
N ARG A 541 3.72 42.97 1.53
CA ARG A 541 4.62 43.61 2.48
C ARG A 541 4.94 42.70 3.68
N TYR A 542 3.91 42.09 4.27
CA TYR A 542 4.12 41.21 5.42
C TYR A 542 5.01 40.04 5.02
N SER A 543 4.66 39.40 3.91
CA SER A 543 5.47 38.29 3.43
C SER A 543 6.90 38.76 3.17
N GLY A 544 7.03 39.97 2.66
CA GLY A 544 8.34 40.54 2.39
C GLY A 544 9.13 40.82 3.66
N LYS A 545 8.42 41.14 4.74
CA LYS A 545 9.08 41.29 6.04
C LYS A 545 9.45 39.96 6.69
N TRP A 546 8.54 39.00 6.65
CA TRP A 546 8.65 37.85 7.54
C TRP A 546 9.10 36.52 6.93
N ASP A 547 8.98 36.38 5.61
CA ASP A 547 9.47 35.18 4.92
C ASP A 547 10.95 34.91 5.24
N LYS A 548 11.77 35.96 5.16
CA LYS A 548 13.20 35.82 5.42
C LYS A 548 13.46 35.34 6.85
N LYS A 549 12.58 35.70 7.78
CA LYS A 549 12.75 35.29 9.17
C LYS A 549 12.54 33.78 9.35
N VAL A 550 11.66 33.18 8.55
CA VAL A 550 11.47 31.73 8.56
C VAL A 550 12.21 31.06 7.38
N SER A 551 13.16 31.77 6.81
CA SER A 551 14.00 31.26 5.72
C SER A 551 13.19 30.59 4.62
N GLY A 552 12.05 31.21 4.29
CA GLY A 552 11.23 30.75 3.19
C GLY A 552 10.25 29.65 3.57
N GLY A 553 10.16 29.34 4.86
CA GLY A 553 9.23 28.35 5.36
C GLY A 553 7.83 28.89 5.51
N ALA A 554 7.27 29.36 4.41
CA ALA A 554 5.94 29.96 4.39
C ALA A 554 5.45 29.99 2.95
N ILE A 555 4.19 30.37 2.77
CA ILE A 555 3.68 30.61 1.43
C ILE A 555 2.67 31.75 1.45
N LEU A 556 2.70 32.54 0.38
CA LEU A 556 1.69 33.55 0.13
C LEU A 556 0.92 33.15 -1.12
N HIS A 557 -0.40 32.99 -1.02
CA HIS A 557 -1.19 32.83 -2.23
C HIS A 557 -2.44 33.68 -2.25
N ILE A 558 -2.64 34.33 -3.39
CA ILE A 558 -3.68 35.32 -3.58
C ILE A 558 -4.76 34.75 -4.51
N ASN A 559 -6.02 34.87 -4.09
CA ASN A 559 -7.14 34.51 -4.95
C ASN A 559 -7.34 35.57 -6.03
N LEU A 560 -7.51 35.13 -7.27
CA LEU A 560 -7.64 36.04 -8.41
C LEU A 560 -9.10 36.41 -8.69
N THR A 566 -3.87 39.92 -18.59
CA THR A 566 -2.88 39.77 -19.66
C THR A 566 -1.57 39.23 -19.12
N GLU A 567 -0.71 38.75 -20.01
CA GLU A 567 0.56 38.14 -19.63
C GLU A 567 1.50 39.15 -18.96
N GLU A 568 1.55 40.34 -19.55
CA GLU A 568 2.47 41.38 -19.10
C GLU A 568 2.15 41.82 -17.68
N GLU A 569 0.87 42.10 -17.43
CA GLU A 569 0.40 42.44 -16.10
C GLU A 569 0.85 41.37 -15.10
N SER A 570 0.56 40.12 -15.45
CA SER A 570 0.97 38.99 -14.63
C SER A 570 2.46 39.07 -14.32
N PHE A 571 3.28 39.19 -15.35
CA PHE A 571 4.72 39.21 -15.13
C PHE A 571 5.18 40.40 -14.27
N ASN A 572 4.62 41.59 -14.50
CA ASN A 572 4.94 42.74 -13.66
C ASN A 572 4.56 42.47 -12.21
N MET A 573 3.38 41.89 -12.00
CA MET A 573 2.96 41.44 -10.67
C MET A 573 3.99 40.51 -10.04
N VAL A 574 4.36 39.45 -10.76
CA VAL A 574 5.36 38.51 -10.26
C VAL A 574 6.64 39.25 -9.85
N LYS A 575 7.16 40.09 -10.75
CA LYS A 575 8.38 40.84 -10.48
C LYS A 575 8.25 41.74 -9.25
N MET A 576 7.12 42.43 -9.12
CA MET A 576 6.92 43.32 -7.98
C MET A 576 6.88 42.53 -6.69
N ILE A 577 6.17 41.41 -6.70
CA ILE A 577 6.12 40.54 -5.55
C ILE A 577 7.52 40.04 -5.20
N ALA A 578 8.29 39.66 -6.21
CA ALA A 578 9.66 39.20 -5.96
C ALA A 578 10.54 40.33 -5.42
N ASP A 579 10.34 41.55 -5.93
CA ASP A 579 11.07 42.72 -5.44
C ASP A 579 10.90 42.95 -3.94
N MET A 580 9.72 42.60 -3.43
CA MET A 580 9.36 42.90 -2.07
C MET A 580 9.95 41.89 -1.08
N GLY A 581 10.56 40.84 -1.60
CA GLY A 581 11.23 39.85 -0.76
C GLY A 581 10.39 38.64 -0.43
N VAL A 582 9.23 38.50 -1.07
CA VAL A 582 8.42 37.30 -0.90
C VAL A 582 9.13 36.10 -1.52
N MET A 583 9.26 35.03 -0.74
CA MET A 583 10.14 33.92 -1.12
C MET A 583 9.42 32.74 -1.74
N TYR A 584 8.11 32.64 -1.50
CA TYR A 584 7.33 31.53 -2.05
C TYR A 584 5.88 31.93 -2.18
N PHE A 585 5.37 31.93 -3.41
CA PHE A 585 4.02 32.41 -3.65
C PHE A 585 3.33 31.80 -4.87
N ALA A 586 2.03 32.04 -4.94
CA ALA A 586 1.19 31.51 -6.01
C ALA A 586 -0.05 32.37 -6.14
N PHE A 587 -0.68 32.33 -7.31
CA PHE A 587 -2.00 32.89 -7.49
C PHE A 587 -2.98 31.74 -7.64
N ASN A 588 -4.22 31.93 -7.21
CA ASN A 588 -5.22 30.87 -7.25
C ASN A 588 -6.33 31.17 -8.21
N THR A 589 -6.78 30.11 -8.88
CA THR A 589 -8.00 30.15 -9.67
C THR A 589 -8.97 29.18 -9.02
N LYS A 590 -10.23 29.20 -9.46
CA LYS A 590 -11.21 28.19 -9.08
C LYS A 590 -11.33 27.23 -10.25
N ILE A 591 -10.83 26.01 -10.10
CA ILE A 591 -10.83 25.08 -11.22
C ILE A 591 -11.98 24.11 -11.12
N SER A 592 -12.92 24.20 -12.05
CA SER A 592 -14.09 23.32 -12.04
C SER A 592 -13.75 21.92 -12.55
N VAL A 593 -14.53 20.94 -12.12
CA VAL A 593 -14.45 19.58 -12.67
C VAL A 593 -15.82 18.93 -12.73
N CYS A 594 -16.02 18.10 -13.75
CA CYS A 594 -17.23 17.28 -13.89
C CYS A 594 -16.96 15.92 -13.27
N GLU A 595 -17.96 15.05 -13.25
CA GLU A 595 -17.82 13.72 -12.67
C GLU A 595 -16.75 12.89 -13.37
N ASP A 596 -16.51 13.18 -14.65
CA ASP A 596 -15.51 12.47 -15.44
C ASP A 596 -14.09 13.03 -15.24
N GLY A 597 -13.99 14.17 -14.57
CA GLY A 597 -12.71 14.69 -14.12
C GLY A 597 -12.00 15.67 -15.03
N HIS A 598 -12.72 16.22 -16.02
CA HIS A 598 -12.15 17.21 -16.91
C HIS A 598 -12.01 18.55 -16.17
N ALA A 599 -10.87 19.20 -16.30
CA ALA A 599 -10.71 20.55 -15.72
C ALA A 599 -11.20 21.62 -16.68
N PHE A 600 -11.84 22.65 -16.12
CA PHE A 600 -12.32 23.78 -16.90
C PHE A 600 -12.70 24.95 -15.99
N TYR A 601 -13.16 26.03 -16.59
CA TYR A 601 -13.72 27.15 -15.84
C TYR A 601 -15.18 27.33 -16.20
N GLY A 602 -16.01 27.60 -15.19
CA GLY A 602 -17.43 27.79 -15.41
C GLY A 602 -18.27 26.76 -14.66
N GLU A 603 -19.55 26.67 -15.04
CA GLU A 603 -20.50 25.81 -14.34
C GLU A 603 -20.75 24.53 -15.13
N ARG A 604 -20.47 24.58 -16.43
CA ARG A 604 -20.71 23.45 -17.33
C ARG A 604 -19.42 23.04 -18.03
N CYS A 605 -19.20 21.74 -18.20
CA CYS A 605 -17.97 21.24 -18.82
C CYS A 605 -17.95 21.55 -20.32
N PRO A 606 -16.84 22.11 -20.82
CA PRO A 606 -16.76 22.39 -22.26
C PRO A 606 -16.49 21.12 -23.05
N VAL A 607 -15.91 20.13 -22.39
CA VAL A 607 -15.55 18.87 -23.04
C VAL A 607 -16.77 17.96 -23.21
N CYS A 608 -17.46 17.70 -22.11
CA CYS A 608 -18.51 16.68 -22.08
C CYS A 608 -19.91 17.29 -21.89
N GLY A 609 -19.97 18.48 -21.33
CA GLY A 609 -21.23 19.18 -21.16
C GLY A 609 -21.92 18.94 -19.83
N LYS A 610 -21.40 18.00 -19.05
CA LYS A 610 -21.98 17.73 -17.74
C LYS A 610 -21.70 18.88 -16.80
N ALA A 611 -22.50 18.99 -15.74
CA ALA A 611 -22.37 20.08 -14.79
C ALA A 611 -21.08 19.96 -14.01
N LYS A 612 -20.74 21.04 -13.31
CA LYS A 612 -19.64 21.05 -12.37
C LYS A 612 -20.11 20.36 -11.09
N VAL A 613 -19.25 19.55 -10.49
CA VAL A 613 -19.60 18.83 -9.26
C VAL A 613 -18.62 19.13 -8.14
N ASP A 614 -17.46 19.68 -8.49
CA ASP A 614 -16.42 19.94 -7.52
C ASP A 614 -15.49 21.04 -8.01
N GLU A 615 -14.62 21.51 -7.12
CA GLU A 615 -13.63 22.52 -7.46
C GLU A 615 -12.25 22.10 -6.97
N TYR A 616 -11.24 22.33 -7.79
CA TYR A 616 -9.86 22.30 -7.35
C TYR A 616 -9.42 23.70 -7.00
N MET A 617 -8.82 23.82 -5.82
CA MET A 617 -8.35 25.09 -5.33
C MET A 617 -7.14 24.91 -4.43
N ARG A 618 -6.29 25.91 -4.44
CA ARG A 618 -5.10 25.96 -3.58
C ARG A 618 -5.53 26.55 -2.24
N ILE A 619 -5.64 25.70 -1.22
CA ILE A 619 -6.08 26.15 0.09
C ILE A 619 -4.89 26.33 1.03
N VAL A 620 -3.97 25.37 1.01
CA VAL A 620 -2.81 25.43 1.87
C VAL A 620 -1.50 25.46 1.09
N GLY A 621 -1.60 25.46 -0.24
CA GLY A 621 -0.42 25.61 -1.08
C GLY A 621 -0.41 24.72 -2.31
N TYR A 622 -1.20 23.65 -2.28
CA TYR A 622 -1.30 22.76 -3.43
C TYR A 622 -2.76 22.61 -3.84
N LEU A 623 -2.97 22.18 -5.08
CA LEU A 623 -4.31 22.19 -5.66
C LEU A 623 -5.07 20.94 -5.29
N VAL A 624 -6.18 21.14 -4.58
CA VAL A 624 -6.95 20.01 -4.07
C VAL A 624 -8.43 20.17 -4.28
N PRO A 625 -9.16 19.04 -4.36
CA PRO A 625 -10.62 19.07 -4.46
C PRO A 625 -11.22 19.70 -3.22
N VAL A 626 -12.01 20.76 -3.39
CA VAL A 626 -12.65 21.42 -2.26
C VAL A 626 -13.50 20.44 -1.46
N SER A 627 -14.31 19.65 -2.17
CA SER A 627 -15.19 18.67 -1.55
C SER A 627 -14.50 17.84 -0.48
N ALA A 628 -13.36 17.25 -0.85
CA ALA A 628 -12.59 16.42 0.07
C ALA A 628 -12.14 17.24 1.27
N PHE A 629 -11.55 18.40 0.99
CA PHE A 629 -11.04 19.30 2.02
C PHE A 629 -12.05 19.58 3.14
N ASN A 630 -13.33 19.50 2.81
CA ASN A 630 -14.41 19.62 3.80
C ASN A 630 -14.96 18.26 4.20
N MET B 1 -2.78 1.18 31.27
CA MET B 1 -4.08 1.74 30.80
C MET B 1 -5.03 0.64 30.35
N LYS B 2 -6.31 0.87 30.56
CA LYS B 2 -7.36 -0.03 30.08
C LYS B 2 -8.23 0.69 29.07
N VAL B 3 -8.37 0.08 27.89
CA VAL B 3 -9.19 0.62 26.82
C VAL B 3 -10.46 -0.21 26.68
N GLN B 4 -11.61 0.45 26.64
CA GLN B 4 -12.88 -0.24 26.48
C GLN B 4 -13.18 -0.57 25.02
N TYR B 5 -13.48 -1.83 24.76
CA TYR B 5 -14.07 -2.26 23.49
C TYR B 5 -15.53 -2.57 23.73
N SER B 6 -16.41 -1.86 23.03
CA SER B 6 -17.83 -1.84 23.33
C SER B 6 -18.61 -3.03 22.76
N PHE B 7 -18.49 -4.18 23.41
CA PHE B 7 -19.23 -5.37 22.99
C PHE B 7 -20.57 -5.45 23.71
N GLU B 8 -21.57 -6.01 23.04
CA GLU B 8 -22.80 -6.45 23.70
C GLU B 8 -22.39 -7.36 24.84
N ARG B 9 -23.01 -7.18 26.01
CA ARG B 9 -22.64 -7.95 27.19
C ARG B 9 -22.71 -9.46 26.95
N GLU B 10 -23.62 -9.92 26.11
CA GLU B 10 -23.69 -11.36 25.82
C GLU B 10 -22.36 -11.87 25.26
N PHE B 11 -21.74 -11.07 24.40
CA PHE B 11 -20.45 -11.41 23.84
C PHE B 11 -19.38 -11.33 24.91
N GLU B 12 -19.43 -10.30 25.76
CA GLU B 12 -18.52 -10.16 26.89
C GLU B 12 -18.57 -11.39 27.77
N GLU B 13 -19.79 -11.82 28.05
CA GLU B 13 -20.04 -12.96 28.92
C GLU B 13 -19.52 -14.20 28.23
N LEU B 14 -19.77 -14.31 26.93
CA LEU B 14 -19.22 -15.40 26.15
C LEU B 14 -17.70 -15.42 26.32
N MET B 15 -17.04 -14.30 26.06
CA MET B 15 -15.58 -14.24 26.09
C MET B 15 -15.02 -14.56 27.48
N SER B 16 -15.63 -14.02 28.53
CA SER B 16 -15.23 -14.35 29.89
C SER B 16 -15.41 -15.84 30.16
N ASP B 17 -16.60 -16.35 29.84
CA ASP B 17 -16.89 -17.77 29.96
C ASP B 17 -15.84 -18.64 29.27
N LEU B 18 -15.50 -18.30 28.03
CA LEU B 18 -14.50 -19.06 27.27
C LEU B 18 -13.10 -18.91 27.86
N LEU B 19 -12.75 -17.70 28.31
CA LEU B 19 -11.45 -17.49 28.95
C LEU B 19 -11.37 -18.28 30.26
N SER B 20 -12.51 -18.42 30.93
CA SER B 20 -12.57 -19.19 32.16
C SER B 20 -12.51 -20.70 31.87
N LYS B 21 -13.19 -21.11 30.80
CA LYS B 21 -13.18 -22.51 30.41
C LYS B 21 -11.81 -22.97 29.90
N TYR B 22 -11.18 -22.17 29.04
CA TYR B 22 -9.98 -22.60 28.31
C TYR B 22 -8.66 -22.07 28.86
N GLY B 23 -8.68 -20.88 29.45
CA GLY B 23 -7.48 -20.28 30.01
C GLY B 23 -6.79 -19.34 29.04
N TYR B 24 -5.99 -18.43 29.59
CA TYR B 24 -5.37 -17.38 28.79
C TYR B 24 -4.47 -17.93 27.70
N GLU B 25 -3.93 -19.13 27.92
CA GLU B 25 -3.00 -19.71 26.95
C GLU B 25 -3.69 -20.00 25.61
N MET B 26 -4.95 -20.41 25.66
CA MET B 26 -5.71 -20.69 24.45
C MET B 26 -5.91 -19.40 23.66
N PHE B 27 -6.41 -18.37 24.33
CA PHE B 27 -6.57 -17.06 23.71
C PHE B 27 -5.26 -16.55 23.13
N GLN B 28 -4.18 -16.74 23.90
CA GLN B 28 -2.84 -16.40 23.43
C GLN B 28 -2.49 -17.16 22.16
N MET B 29 -2.78 -18.45 22.13
CA MET B 29 -2.57 -19.25 20.92
C MET B 29 -3.41 -18.75 19.76
N ASP B 30 -4.63 -18.34 20.05
CA ASP B 30 -5.55 -17.81 19.03
C ASP B 30 -5.15 -16.42 18.53
N GLY B 31 -4.31 -15.72 19.28
CA GLY B 31 -3.89 -14.38 18.92
C GLY B 31 -4.76 -13.29 19.52
N LEU B 32 -5.47 -13.63 20.59
CA LEU B 32 -6.26 -12.66 21.36
C LEU B 32 -5.74 -12.56 22.78
N GLY B 33 -4.43 -12.73 22.93
CA GLY B 33 -3.78 -12.62 24.22
C GLY B 33 -3.03 -11.30 24.32
N ASP B 34 -1.73 -11.39 24.57
CA ASP B 34 -0.90 -10.19 24.72
C ASP B 34 -0.76 -9.44 23.41
N GLN B 35 -1.16 -10.08 22.32
CA GLN B 35 -1.02 -9.45 21.01
C GLN B 35 -1.91 -8.21 20.91
N LEU B 36 -2.93 -8.13 21.76
CA LEU B 36 -3.82 -6.97 21.78
C LEU B 36 -3.19 -5.79 22.53
N ASP B 37 -2.09 -6.05 23.23
CA ASP B 37 -1.35 -5.01 23.96
C ASP B 37 -0.41 -4.26 23.01
N VAL B 38 -0.82 -3.08 22.57
CA VAL B 38 -0.08 -2.32 21.56
C VAL B 38 1.34 -1.98 21.98
N VAL B 39 1.52 -1.75 23.27
CA VAL B 39 2.83 -1.40 23.80
C VAL B 39 3.73 -2.63 23.73
N LYS B 40 3.24 -3.74 24.28
CA LYS B 40 3.97 -5.00 24.19
C LYS B 40 4.21 -5.39 22.74
N PHE B 41 3.20 -5.26 21.89
CA PHE B 41 3.36 -5.62 20.48
C PHE B 41 4.45 -4.78 19.82
N THR B 42 4.40 -3.47 20.05
CA THR B 42 5.37 -2.59 19.41
C THR B 42 6.78 -2.88 19.92
N GLU B 43 6.92 -2.90 21.24
CA GLU B 43 8.21 -3.23 21.86
C GLU B 43 8.74 -4.54 21.32
N ASP B 44 7.88 -5.54 21.22
CA ASP B 44 8.24 -6.82 20.62
C ASP B 44 8.74 -6.63 19.19
N PHE B 45 7.94 -5.96 18.37
CA PHE B 45 8.27 -5.76 16.95
C PHE B 45 9.61 -5.08 16.73
N VAL B 46 9.88 -4.00 17.46
CA VAL B 46 11.09 -3.22 17.17
C VAL B 46 12.41 -3.94 17.51
N ARG B 47 12.33 -5.09 18.18
CA ARG B 47 13.52 -5.92 18.40
C ARG B 47 13.42 -7.21 17.60
N THR B 64 12.69 -7.09 7.82
CA THR B 64 11.66 -6.25 7.24
C THR B 64 11.74 -4.83 7.78
N ASN B 65 10.84 -3.96 7.33
CA ASN B 65 10.93 -2.54 7.65
C ASN B 65 9.66 -1.98 8.29
N ILE B 66 9.69 -0.67 8.56
CA ILE B 66 8.66 -0.03 9.36
C ILE B 66 7.27 -0.15 8.76
N SER B 67 7.17 -0.24 7.43
CA SER B 67 5.86 -0.27 6.79
C SER B 67 5.09 -1.49 7.24
N THR B 68 5.81 -2.53 7.60
CA THR B 68 5.20 -3.76 8.11
C THR B 68 4.49 -3.49 9.44
N TYR B 69 5.08 -2.61 10.26
CA TYR B 69 4.60 -2.45 11.63
C TYR B 69 3.15 -2.00 11.61
N PHE B 70 2.85 -1.07 10.72
CA PHE B 70 1.50 -0.53 10.62
C PHE B 70 0.52 -1.55 10.05
N ILE B 71 1.02 -2.61 9.41
CA ILE B 71 0.13 -3.64 8.89
C ILE B 71 -0.21 -4.60 10.01
N GLU B 72 0.81 -5.01 10.73
CA GLU B 72 0.68 -6.07 11.71
C GLU B 72 -0.04 -5.62 13.00
N ILE B 73 0.18 -4.38 13.42
CA ILE B 73 -0.29 -3.91 14.72
C ILE B 73 -1.79 -4.10 14.94
N SER B 74 -2.59 -3.88 13.89
CA SER B 74 -4.04 -3.87 14.05
C SER B 74 -4.72 -5.23 13.80
N LYS B 75 -3.96 -6.22 13.34
CA LYS B 75 -4.56 -7.52 12.99
C LYS B 75 -5.29 -8.22 14.13
N PRO B 76 -4.70 -8.22 15.34
CA PRO B 76 -5.45 -8.78 16.47
C PRO B 76 -6.76 -8.05 16.68
N HIS B 77 -6.73 -6.73 16.52
CA HIS B 77 -7.89 -5.89 16.79
C HIS B 77 -8.98 -6.10 15.76
N THR B 78 -8.62 -6.11 14.46
CA THR B 78 -9.61 -6.32 13.42
C THR B 78 -10.08 -7.79 13.40
N TYR B 79 -9.23 -8.72 13.82
CA TYR B 79 -9.70 -10.08 14.05
C TYR B 79 -10.75 -10.09 15.15
N LEU B 80 -10.45 -9.46 16.28
CA LEU B 80 -11.42 -9.42 17.38
C LEU B 80 -12.74 -8.82 16.92
N TYR B 81 -12.66 -7.69 16.22
CA TYR B 81 -13.87 -7.08 15.67
C TYR B 81 -14.60 -8.06 14.75
N SER B 82 -13.85 -8.68 13.84
CA SER B 82 -14.45 -9.56 12.85
C SER B 82 -15.18 -10.71 13.51
N LEU B 83 -14.53 -11.33 14.49
CA LEU B 83 -15.14 -12.39 15.29
C LEU B 83 -16.43 -11.89 15.95
N TYR B 84 -16.35 -10.73 16.60
CA TYR B 84 -17.55 -10.13 17.20
C TYR B 84 -18.69 -9.93 16.19
N ARG B 85 -18.37 -9.38 15.02
CA ARG B 85 -19.37 -9.10 13.99
C ARG B 85 -19.97 -10.42 13.43
N ILE B 86 -19.11 -11.39 13.17
CA ILE B 86 -19.57 -12.71 12.75
C ILE B 86 -20.51 -13.29 13.81
N TRP B 87 -20.11 -13.21 15.08
CA TRP B 87 -20.98 -13.66 16.18
C TRP B 87 -22.33 -12.94 16.15
N GLN B 88 -22.31 -11.62 16.00
CA GLN B 88 -23.54 -10.85 15.85
C GLN B 88 -24.43 -11.39 14.72
N LYS B 89 -23.88 -11.44 13.51
CA LYS B 89 -24.64 -11.87 12.33
C LYS B 89 -25.19 -13.29 12.50
N MET B 90 -24.35 -14.19 13.00
CA MET B 90 -24.77 -15.57 13.24
C MET B 90 -25.86 -15.65 14.32
N LYS B 91 -25.72 -14.85 15.37
CA LYS B 91 -26.76 -14.83 16.41
C LYS B 91 -28.07 -14.33 15.81
N GLU B 92 -27.96 -13.32 14.96
CA GLU B 92 -29.14 -12.82 14.26
C GLU B 92 -29.75 -13.90 13.37
N MET B 93 -28.90 -14.60 12.62
CA MET B 93 -29.38 -15.57 11.63
C MET B 93 -29.77 -16.94 12.19
N PHE B 94 -29.16 -17.36 13.29
CA PHE B 94 -29.31 -18.74 13.77
C PHE B 94 -29.47 -18.85 15.28
N GLY B 95 -29.46 -17.72 15.97
CA GLY B 95 -29.64 -17.71 17.42
C GLY B 95 -28.33 -17.80 18.18
N LYS B 96 -28.39 -17.50 19.47
CA LYS B 96 -27.21 -17.36 20.30
C LYS B 96 -26.39 -18.64 20.42
N GLY B 97 -27.07 -19.78 20.54
CA GLY B 97 -26.37 -21.06 20.67
C GLY B 97 -25.41 -21.34 19.54
N VAL B 98 -25.88 -21.13 18.30
CA VAL B 98 -25.06 -21.34 17.12
C VAL B 98 -23.87 -20.38 17.08
N ALA B 99 -24.13 -19.10 17.31
CA ALA B 99 -23.08 -18.08 17.27
C ALA B 99 -22.02 -18.42 18.32
N ASP B 100 -22.49 -18.70 19.53
CA ASP B 100 -21.64 -19.10 20.64
C ASP B 100 -20.81 -20.32 20.28
N GLU B 101 -21.47 -21.32 19.71
CA GLU B 101 -20.76 -22.53 19.30
C GLU B 101 -19.67 -22.20 18.28
N PHE B 102 -19.99 -21.34 17.32
CA PHE B 102 -18.98 -20.97 16.33
C PHE B 102 -17.81 -20.24 16.95
N VAL B 103 -18.09 -19.21 17.75
CA VAL B 103 -17.01 -18.50 18.41
C VAL B 103 -16.13 -19.45 19.21
N GLU B 104 -16.75 -20.31 20.03
CA GLU B 104 -16.00 -21.29 20.80
C GLU B 104 -15.17 -22.20 19.90
N ALA B 105 -15.79 -22.66 18.82
CA ALA B 105 -15.11 -23.52 17.85
C ALA B 105 -13.91 -22.81 17.17
N GLN B 106 -14.07 -21.52 16.88
CA GLN B 106 -12.99 -20.77 16.25
C GLN B 106 -11.86 -20.53 17.26
N ILE B 107 -12.23 -20.05 18.45
CA ILE B 107 -11.25 -19.79 19.49
C ILE B 107 -10.49 -21.06 19.92
N ASN B 108 -11.18 -22.19 20.08
CA ASN B 108 -10.50 -23.42 20.51
C ASN B 108 -9.89 -24.27 19.38
N GLY B 109 -10.19 -23.90 18.14
CA GLY B 109 -9.54 -24.53 17.00
C GLY B 109 -10.23 -25.76 16.44
N ALA B 110 -11.53 -25.92 16.72
CA ALA B 110 -12.31 -26.96 16.03
C ALA B 110 -12.46 -26.58 14.55
N VAL B 111 -12.46 -25.27 14.30
CA VAL B 111 -12.48 -24.74 12.95
C VAL B 111 -11.40 -23.66 12.81
N TYR B 112 -11.13 -23.26 11.58
CA TYR B 112 -10.16 -22.20 11.31
C TYR B 112 -10.69 -21.20 10.30
N LEU B 113 -10.99 -20.00 10.80
CA LEU B 113 -11.41 -18.89 9.96
C LEU B 113 -10.19 -18.30 9.29
N HIS B 114 -10.13 -18.35 7.96
CA HIS B 114 -8.96 -17.82 7.25
C HIS B 114 -9.05 -16.32 7.13
N ASP B 115 -7.89 -15.68 6.98
CA ASP B 115 -7.77 -14.22 6.93
C ASP B 115 -8.67 -13.60 7.99
N ARG B 116 -8.55 -14.11 9.21
CA ARG B 116 -9.52 -13.77 10.25
C ARG B 116 -9.52 -12.28 10.55
N HIS B 117 -8.38 -11.63 10.35
CA HIS B 117 -8.27 -10.20 10.58
C HIS B 117 -8.99 -9.38 9.51
N HIS B 118 -9.39 -10.04 8.43
CA HIS B 118 -10.10 -9.39 7.33
C HIS B 118 -11.54 -9.86 7.21
N ALA B 119 -11.91 -10.84 8.02
CA ALA B 119 -13.05 -11.70 7.71
C ALA B 119 -14.40 -10.99 7.67
N ALA B 120 -14.56 -9.92 8.45
CA ALA B 120 -15.81 -9.17 8.45
C ALA B 120 -15.67 -7.88 7.65
N LEU B 121 -14.59 -7.78 6.90
CA LEU B 121 -14.24 -6.52 6.24
C LEU B 121 -14.16 -6.65 4.72
N MET B 122 -13.52 -7.71 4.22
CA MET B 122 -13.40 -7.87 2.79
C MET B 122 -13.28 -9.35 2.39
N PRO B 123 -13.49 -9.66 1.09
CA PRO B 123 -13.51 -11.06 0.66
C PRO B 123 -12.14 -11.63 0.35
N TYR B 124 -12.11 -12.91 -0.01
CA TYR B 124 -10.87 -13.66 -0.14
C TYR B 124 -10.22 -13.51 -1.53
N CYS B 125 -10.83 -14.08 -2.56
CA CYS B 125 -10.12 -14.16 -3.84
C CYS B 125 -11.01 -14.22 -5.08
N PHE B 126 -10.39 -13.96 -6.23
CA PHE B 126 -11.07 -14.03 -7.50
C PHE B 126 -10.05 -14.12 -8.64
N ALA B 127 -10.43 -14.86 -9.67
CA ALA B 127 -9.66 -14.96 -10.90
C ALA B 127 -10.44 -14.15 -11.93
N TYR B 128 -9.87 -13.01 -12.32
CA TYR B 128 -10.58 -12.01 -13.09
C TYR B 128 -10.37 -12.18 -14.59
N THR B 129 -11.31 -11.63 -15.36
CA THR B 129 -11.06 -11.32 -16.76
C THR B 129 -10.69 -9.84 -16.86
N LEU B 130 -9.76 -9.52 -17.75
CA LEU B 130 -9.32 -8.15 -17.94
C LEU B 130 -10.21 -7.38 -18.90
N LYS B 131 -11.24 -8.05 -19.43
CA LYS B 131 -12.16 -7.43 -20.38
C LYS B 131 -12.68 -6.07 -19.93
N PRO B 132 -13.20 -5.97 -18.69
CA PRO B 132 -13.68 -4.66 -18.23
C PRO B 132 -12.58 -3.59 -18.11
N ILE B 133 -11.35 -4.02 -17.84
CA ILE B 133 -10.24 -3.07 -17.77
C ILE B 133 -9.93 -2.58 -19.18
N VAL B 134 -9.82 -3.51 -20.12
CA VAL B 134 -9.56 -3.15 -21.51
C VAL B 134 -10.65 -2.23 -21.98
N GLU B 135 -11.89 -2.58 -21.68
CA GLU B 135 -13.04 -1.85 -22.23
C GLU B 135 -13.37 -0.53 -21.53
N LYS B 136 -13.16 -0.43 -20.21
CA LYS B 136 -13.59 0.77 -19.49
C LYS B 136 -12.45 1.52 -18.80
N GLY B 137 -11.24 0.95 -18.85
CA GLY B 137 -10.10 1.55 -18.20
C GLY B 137 -10.16 1.41 -16.69
N LEU B 138 -9.87 2.50 -15.98
CA LEU B 138 -9.88 2.51 -14.52
C LEU B 138 -10.75 3.66 -14.02
N PRO B 139 -12.07 3.45 -14.00
CA PRO B 139 -12.98 4.48 -13.48
C PRO B 139 -13.17 4.32 -11.97
N PHE B 140 -12.86 3.13 -11.47
CA PHE B 140 -13.08 2.80 -10.06
C PHE B 140 -12.00 3.33 -9.13
N ILE B 141 -10.83 3.62 -9.69
CA ILE B 141 -9.83 4.41 -8.99
C ILE B 141 -10.27 5.85 -9.21
N LYS B 142 -10.38 6.61 -8.13
CA LYS B 142 -11.12 7.87 -8.18
C LYS B 142 -10.29 9.10 -7.82
N THR B 143 -9.06 8.89 -7.35
CA THR B 143 -8.12 10.00 -7.24
C THR B 143 -7.79 10.53 -8.63
N ILE B 144 -7.82 9.63 -9.62
CA ILE B 144 -7.67 10.01 -11.01
C ILE B 144 -8.28 8.92 -11.90
N LYS B 145 -9.00 9.32 -12.93
CA LYS B 145 -9.68 8.38 -13.81
C LYS B 145 -8.85 8.19 -15.06
N SER B 146 -8.76 6.93 -15.51
CA SER B 146 -8.05 6.58 -16.74
C SER B 146 -9.02 6.07 -17.79
N GLU B 147 -8.83 6.54 -19.02
CA GLU B 147 -9.60 6.06 -20.16
C GLU B 147 -9.12 4.65 -20.52
N PRO B 148 -9.85 3.93 -21.38
CA PRO B 148 -9.35 2.62 -21.81
C PRO B 148 -7.96 2.75 -22.45
N ALA B 149 -7.07 1.79 -22.21
CA ALA B 149 -5.74 1.84 -22.79
C ALA B 149 -5.81 1.86 -24.32
N LYS B 150 -4.84 2.53 -24.93
CA LYS B 150 -4.72 2.62 -26.38
C LYS B 150 -3.37 2.06 -26.83
N HIS B 151 -2.55 1.66 -25.87
CA HIS B 151 -1.18 1.25 -26.15
C HIS B 151 -0.76 0.14 -25.20
N LEU B 152 0.28 -0.59 -25.59
CA LEU B 152 0.79 -1.68 -24.75
C LEU B 152 1.27 -1.17 -23.40
N SER B 153 2.05 -0.09 -23.43
CA SER B 153 2.64 0.46 -22.21
C SER B 153 1.57 0.71 -21.16
N THR B 154 0.47 1.30 -21.59
CA THR B 154 -0.61 1.65 -20.70
C THR B 154 -1.52 0.48 -20.35
N PHE B 155 -1.61 -0.52 -21.23
CA PHE B 155 -2.35 -1.72 -20.88
C PHE B 155 -1.63 -2.38 -19.71
N ILE B 156 -0.31 -2.51 -19.87
CA ILE B 156 0.52 -3.06 -18.81
C ILE B 156 0.33 -2.24 -17.52
N GLN B 157 0.50 -0.91 -17.63
CA GLN B 157 0.26 -0.06 -16.45
C GLN B 157 -1.10 -0.31 -15.81
N HIS B 158 -2.14 -0.39 -16.64
CA HIS B 158 -3.49 -0.60 -16.11
C HIS B 158 -3.60 -1.91 -15.35
N VAL B 159 -3.01 -2.96 -15.92
CA VAL B 159 -2.96 -4.23 -15.23
C VAL B 159 -2.25 -4.10 -13.87
N ILE B 160 -1.13 -3.40 -13.86
CA ILE B 160 -0.44 -3.13 -12.59
C ILE B 160 -1.35 -2.39 -11.59
N GLN B 161 -1.94 -1.27 -12.01
CA GLN B 161 -2.78 -0.52 -11.09
C GLN B 161 -3.94 -1.38 -10.58
N PHE B 162 -4.52 -2.17 -11.48
CA PHE B 162 -5.64 -3.03 -11.10
C PHE B 162 -5.22 -4.09 -10.08
N VAL B 163 -4.05 -4.71 -10.31
CA VAL B 163 -3.56 -5.68 -9.35
C VAL B 163 -3.30 -5.04 -7.97
N MET B 164 -2.66 -3.87 -7.97
CA MET B 164 -2.39 -3.16 -6.71
CA MET B 164 -2.40 -3.19 -6.70
C MET B 164 -3.70 -2.81 -6.00
N PHE B 165 -4.67 -2.33 -6.76
CA PHE B 165 -5.99 -2.03 -6.21
C PHE B 165 -6.70 -3.28 -5.64
N ALA B 166 -6.78 -4.32 -6.45
CA ALA B 166 -7.50 -5.52 -6.05
C ALA B 166 -6.82 -6.23 -4.87
N SER B 167 -5.50 -6.19 -4.84
CA SER B 167 -4.77 -6.89 -3.78
C SER B 167 -5.00 -6.27 -2.40
N ASN B 168 -5.44 -5.02 -2.36
CA ASN B 168 -5.76 -4.37 -1.09
C ASN B 168 -7.27 -4.29 -0.84
N GLN B 169 -8.03 -5.00 -1.67
CA GLN B 169 -9.47 -5.10 -1.53
C GLN B 169 -9.86 -6.55 -1.28
N SER B 170 -8.86 -7.43 -1.16
CA SER B 170 -9.12 -8.83 -0.88
C SER B 170 -7.94 -9.44 -0.13
N SER B 171 -8.13 -10.63 0.41
CA SER B 171 -7.11 -11.25 1.25
C SER B 171 -6.23 -12.21 0.47
N GLY B 172 -6.78 -12.78 -0.60
CA GLY B 172 -6.13 -13.84 -1.34
C GLY B 172 -5.69 -13.44 -2.73
N ALA B 173 -5.67 -14.44 -3.60
CA ALA B 173 -5.06 -14.33 -4.91
C ALA B 173 -5.81 -13.37 -5.82
N VAL B 174 -5.05 -12.66 -6.64
CA VAL B 174 -5.61 -11.93 -7.75
C VAL B 174 -5.23 -12.71 -8.99
N GLY B 175 -6.18 -13.48 -9.52
CA GLY B 175 -5.93 -14.27 -10.71
C GLY B 175 -6.09 -13.49 -12.00
N LEU B 176 -5.17 -13.70 -12.94
CA LEU B 176 -5.23 -13.09 -14.27
C LEU B 176 -5.11 -14.12 -15.40
N PRO B 177 -6.05 -15.08 -15.48
CA PRO B 177 -5.92 -16.19 -16.43
C PRO B 177 -5.93 -15.80 -17.91
N ASP B 178 -6.59 -14.69 -18.28
CA ASP B 178 -6.67 -14.31 -19.69
C ASP B 178 -5.77 -13.13 -20.06
N PHE B 179 -4.72 -12.91 -19.27
CA PHE B 179 -3.80 -11.80 -19.49
C PHE B 179 -3.27 -11.71 -20.93
N PHE B 180 -2.82 -12.83 -21.48
CA PHE B 180 -2.15 -12.83 -22.77
C PHE B 180 -3.13 -12.64 -23.94
N VAL B 181 -4.36 -13.09 -23.72
CA VAL B 181 -5.44 -12.84 -24.67
C VAL B 181 -5.52 -11.36 -24.95
N TRP B 182 -5.54 -10.55 -23.90
CA TRP B 182 -5.66 -9.11 -24.05
C TRP B 182 -4.33 -8.45 -24.36
N MET B 183 -3.23 -8.93 -23.79
CA MET B 183 -1.92 -8.35 -24.12
C MET B 183 -1.64 -8.40 -25.62
N TRP B 184 -1.94 -9.55 -26.23
CA TRP B 184 -1.73 -9.70 -27.66
C TRP B 184 -2.32 -8.55 -28.48
N TYR B 185 -3.55 -8.16 -28.16
CA TYR B 185 -4.24 -7.10 -28.91
C TYR B 185 -3.42 -5.82 -28.97
N PHE B 186 -2.85 -5.43 -27.84
CA PHE B 186 -2.10 -4.17 -27.76
C PHE B 186 -0.73 -4.31 -28.39
N VAL B 187 -0.13 -5.49 -28.24
CA VAL B 187 1.09 -5.77 -29.01
C VAL B 187 0.81 -5.52 -30.50
N LYS B 188 -0.24 -6.13 -31.02
CA LYS B 188 -0.55 -5.97 -32.45
C LYS B 188 -0.91 -4.53 -32.80
N LYS B 189 -1.70 -3.90 -31.94
CA LYS B 189 -2.11 -2.52 -32.19
C LYS B 189 -0.88 -1.63 -32.34
N ASP B 190 0.02 -1.70 -31.35
CA ASP B 190 1.20 -0.86 -31.37
C ASP B 190 2.19 -1.23 -32.48
N LEU B 191 2.31 -2.52 -32.78
CA LEU B 191 3.12 -2.93 -33.94
C LEU B 191 2.59 -2.29 -35.22
N LYS B 192 1.28 -2.42 -35.44
CA LYS B 192 0.66 -1.90 -36.66
C LYS B 192 0.88 -0.41 -36.86
N GLU B 193 0.72 0.36 -35.79
CA GLU B 193 0.70 1.81 -35.89
C GLU B 193 2.09 2.44 -35.80
N GLY B 194 3.12 1.62 -35.73
CA GLY B 194 4.49 2.10 -35.69
C GLY B 194 4.90 2.69 -34.34
N ILE B 195 4.15 2.35 -33.30
CA ILE B 195 4.53 2.73 -31.94
C ILE B 195 5.66 1.79 -31.52
N ILE B 196 5.54 0.54 -31.94
CA ILE B 196 6.59 -0.44 -31.72
C ILE B 196 7.38 -0.64 -33.00
N PRO B 197 8.63 -0.15 -33.04
CA PRO B 197 9.46 -0.42 -34.22
C PRO B 197 9.54 -1.93 -34.47
N ARG B 198 9.35 -2.35 -35.71
CA ARG B 198 9.36 -3.78 -36.04
C ARG B 198 10.65 -4.44 -35.52
N ASP B 199 11.79 -3.82 -35.81
CA ASP B 199 13.09 -4.37 -35.44
C ASP B 199 13.32 -4.38 -33.92
N LYS B 200 12.40 -3.80 -33.17
CA LYS B 200 12.47 -3.83 -31.71
C LYS B 200 11.31 -4.62 -31.12
N LEU B 201 10.59 -5.37 -31.96
CA LEU B 201 9.40 -6.08 -31.48
C LEU B 201 9.68 -7.00 -30.29
N ASP B 202 10.60 -7.95 -30.48
CA ASP B 202 10.89 -8.90 -29.42
C ASP B 202 11.35 -8.21 -28.13
N TRP B 203 12.27 -7.24 -28.24
CA TRP B 203 12.72 -6.51 -27.06
C TRP B 203 11.54 -5.83 -26.36
N TYR B 204 10.68 -5.19 -27.15
CA TYR B 204 9.54 -4.49 -26.58
C TYR B 204 8.70 -5.46 -25.74
N ILE B 205 8.19 -6.49 -26.40
CA ILE B 205 7.37 -7.50 -25.75
C ILE B 205 8.00 -7.93 -24.43
N GLU B 206 9.26 -8.38 -24.50
CA GLU B 206 9.94 -8.88 -23.31
C GLU B 206 10.16 -7.78 -22.27
N GLN B 207 10.21 -6.52 -22.72
CA GLN B 207 10.45 -5.44 -21.78
C GLN B 207 9.18 -5.28 -20.99
N HIS B 208 8.05 -5.67 -21.58
CA HIS B 208 6.80 -5.41 -20.89
C HIS B 208 6.45 -6.61 -20.03
N PHE B 209 6.85 -7.80 -20.46
CA PHE B 209 6.86 -8.96 -19.57
C PHE B 209 7.61 -8.58 -18.30
N GLN B 210 8.81 -8.03 -18.48
CA GLN B 210 9.72 -7.70 -17.39
C GLN B 210 9.15 -6.64 -16.45
N ILE B 211 8.67 -5.56 -17.04
CA ILE B 211 8.06 -4.47 -16.27
C ILE B 211 6.91 -5.00 -15.42
N LEU B 212 6.06 -5.81 -16.03
CA LEU B 212 4.94 -6.37 -15.30
C LEU B 212 5.46 -7.27 -14.18
N THR B 213 6.25 -8.27 -14.56
CA THR B 213 6.72 -9.25 -13.58
C THR B 213 7.35 -8.56 -12.37
N TYR B 214 8.35 -7.71 -12.62
CA TYR B 214 9.02 -7.02 -11.53
C TYR B 214 8.01 -6.25 -10.66
N SER B 215 6.97 -5.69 -11.28
CA SER B 215 6.06 -4.84 -10.53
C SER B 215 5.24 -5.76 -9.65
N LEU B 216 5.05 -6.99 -10.12
CA LEU B 216 4.17 -7.88 -9.42
C LEU B 216 4.98 -8.54 -8.33
N ASN B 217 6.30 -8.27 -8.28
CA ASN B 217 7.12 -8.79 -7.21
C ASN B 217 7.63 -7.65 -6.33
N GLN B 218 6.92 -6.53 -6.35
CA GLN B 218 7.16 -5.41 -5.44
C GLN B 218 6.28 -5.59 -4.21
N PRO B 219 6.62 -4.95 -3.09
CA PRO B 219 5.77 -5.08 -1.90
C PRO B 219 4.58 -4.11 -1.92
N ILE B 220 3.51 -4.48 -2.59
CA ILE B 220 2.33 -3.61 -2.68
C ILE B 220 1.38 -3.88 -1.52
N ARG B 221 1.38 -5.11 -1.05
CA ARG B 221 0.70 -5.45 0.21
C ARG B 221 1.59 -5.08 1.39
N THR B 222 2.58 -4.21 1.12
CA THR B 222 3.49 -3.69 2.13
C THR B 222 4.38 -4.79 2.69
N THR B 223 3.78 -5.71 3.44
CA THR B 223 4.52 -6.78 4.07
C THR B 223 5.08 -7.76 3.02
N GLN B 224 4.41 -7.86 1.89
CA GLN B 224 4.83 -8.79 0.84
C GLN B 224 4.20 -8.44 -0.50
N SER B 225 4.61 -9.16 -1.53
CA SER B 225 4.05 -8.97 -2.85
C SER B 225 2.60 -9.42 -2.85
N PRO B 226 1.79 -8.89 -3.77
CA PRO B 226 0.46 -9.46 -3.90
C PRO B 226 0.62 -10.86 -4.43
N TYR B 227 -0.40 -11.70 -4.24
CA TYR B 227 -0.39 -13.06 -4.77
C TYR B 227 -1.14 -13.01 -6.09
N THR B 228 -0.42 -13.28 -7.18
CA THR B 228 -1.01 -13.26 -8.51
C THR B 228 -0.83 -14.59 -9.22
N ASN B 229 -1.73 -14.89 -10.13
CA ASN B 229 -1.68 -16.10 -10.94
C ASN B 229 -1.76 -15.81 -12.42
N PHE B 230 -0.91 -16.50 -13.19
CA PHE B 230 -1.04 -16.54 -14.65
C PHE B 230 -1.43 -17.96 -15.04
N THR B 231 -2.23 -18.06 -16.10
CA THR B 231 -2.58 -19.33 -16.71
C THR B 231 -2.22 -19.37 -18.20
N TYR B 232 -1.48 -20.39 -18.61
CA TYR B 232 -1.34 -20.73 -20.02
C TYR B 232 -2.59 -21.47 -20.39
N LEU B 233 -3.47 -20.78 -21.12
CA LEU B 233 -4.70 -21.37 -21.62
C LEU B 233 -4.40 -22.14 -22.90
N ASP B 234 -4.70 -23.44 -22.94
CA ASP B 234 -4.47 -24.18 -24.17
C ASP B 234 -5.54 -23.76 -25.20
N ARG B 235 -5.39 -24.21 -26.44
CA ARG B 235 -6.29 -23.79 -27.52
C ARG B 235 -7.76 -24.08 -27.24
N ASN B 236 -8.02 -25.20 -26.59
CA ASN B 236 -9.37 -25.59 -26.22
C ASN B 236 -9.99 -24.56 -25.28
N TYR B 237 -9.21 -24.14 -24.29
CA TYR B 237 -9.72 -23.20 -23.31
C TYR B 237 -9.97 -21.82 -23.91
N ILE B 238 -9.05 -21.36 -24.76
CA ILE B 238 -9.22 -20.07 -25.42
C ILE B 238 -10.48 -20.12 -26.27
N LYS B 239 -10.57 -21.17 -27.11
CA LYS B 239 -11.73 -21.33 -27.98
C LYS B 239 -13.02 -21.37 -27.16
N ALA B 240 -13.04 -22.16 -26.09
CA ALA B 240 -14.25 -22.30 -25.29
C ALA B 240 -14.62 -20.99 -24.58
N ILE B 241 -13.66 -20.42 -23.84
CA ILE B 241 -13.93 -19.22 -23.07
C ILE B 241 -14.34 -18.05 -23.94
N PHE B 242 -13.66 -17.88 -25.08
CA PHE B 242 -13.84 -16.66 -25.86
C PHE B 242 -14.67 -16.80 -27.13
N GLU B 243 -15.44 -17.88 -27.21
CA GLU B 243 -16.40 -18.06 -28.30
C GLU B 243 -17.32 -16.85 -28.42
N GLY B 244 -17.36 -16.26 -29.60
CA GLY B 244 -18.25 -15.15 -29.89
C GLY B 244 -17.72 -13.80 -29.44
N GLU B 245 -16.62 -13.79 -28.70
CA GLU B 245 -16.09 -12.56 -28.09
C GLU B 245 -15.19 -11.75 -29.01
N ARG B 246 -15.32 -10.42 -28.95
CA ARG B 246 -14.59 -9.52 -29.84
C ARG B 246 -13.62 -8.60 -29.10
N TYR B 247 -12.53 -8.25 -29.79
CA TYR B 247 -11.59 -7.26 -29.31
C TYR B 247 -12.16 -5.85 -29.57
N PRO B 248 -11.50 -4.81 -29.04
CA PRO B 248 -11.92 -3.44 -29.35
C PRO B 248 -11.99 -3.12 -30.85
N ASP B 249 -11.14 -3.72 -31.67
CA ASP B 249 -11.16 -3.45 -33.12
C ASP B 249 -12.31 -4.19 -33.82
N GLY B 250 -13.09 -4.93 -33.05
CA GLY B 250 -14.27 -5.59 -33.59
C GLY B 250 -14.02 -7.00 -34.08
N SER B 251 -12.76 -7.42 -34.09
CA SER B 251 -12.41 -8.75 -34.59
C SER B 251 -12.66 -9.81 -33.52
N LEU B 252 -12.89 -11.04 -33.97
CA LEU B 252 -13.13 -12.16 -33.08
C LEU B 252 -11.82 -12.60 -32.43
N ILE B 253 -11.85 -12.74 -31.11
CA ILE B 253 -10.69 -13.23 -30.39
C ILE B 253 -10.36 -14.65 -30.86
N THR B 254 -11.37 -15.47 -31.14
CA THR B 254 -11.12 -16.86 -31.53
C THR B 254 -10.39 -16.95 -32.86
N ASP B 255 -10.32 -15.83 -33.59
CA ASP B 255 -9.56 -15.79 -34.85
C ASP B 255 -8.08 -15.55 -34.61
N HIS B 256 -7.69 -15.35 -33.36
CA HIS B 256 -6.30 -15.06 -33.04
C HIS B 256 -5.71 -16.06 -32.05
N VAL B 257 -6.21 -17.29 -32.06
CA VAL B 257 -5.76 -18.32 -31.12
C VAL B 257 -4.25 -18.56 -31.22
N GLU B 258 -3.73 -18.69 -32.43
CA GLU B 258 -2.32 -19.00 -32.62
C GLU B 258 -1.43 -17.85 -32.15
N ASP B 259 -1.88 -16.63 -32.39
CA ASP B 259 -1.16 -15.46 -31.91
C ASP B 259 -1.11 -15.46 -30.37
N ILE B 260 -2.24 -15.73 -29.73
CA ILE B 260 -2.29 -15.76 -28.27
C ILE B 260 -1.40 -16.87 -27.72
N ILE B 261 -1.52 -18.07 -28.29
CA ILE B 261 -0.66 -19.20 -27.91
C ILE B 261 0.82 -18.82 -28.02
N ALA B 262 1.19 -18.22 -29.15
CA ALA B 262 2.58 -17.85 -29.39
C ALA B 262 3.08 -16.83 -28.37
N LEU B 263 2.21 -15.92 -27.96
CA LEU B 263 2.59 -14.90 -26.97
C LEU B 263 2.75 -15.56 -25.59
N GLN B 264 1.86 -16.50 -25.27
CA GLN B 264 1.98 -17.26 -24.02
C GLN B 264 3.28 -18.04 -24.00
N LYS B 265 3.61 -18.66 -25.13
CA LYS B 265 4.86 -19.42 -25.23
C LYS B 265 6.04 -18.47 -24.99
N HIS B 266 5.99 -17.30 -25.62
CA HIS B 266 7.04 -16.29 -25.48
C HIS B 266 7.26 -15.93 -24.02
N TYR B 267 6.18 -15.71 -23.29
CA TYR B 267 6.30 -15.37 -21.87
C TYR B 267 6.96 -16.51 -21.10
N TRP B 268 6.47 -17.73 -21.29
CA TRP B 268 7.00 -18.89 -20.57
C TRP B 268 8.49 -19.09 -20.88
N GLU B 269 8.89 -18.90 -22.13
CA GLU B 269 10.29 -18.99 -22.52
C GLU B 269 11.09 -17.86 -21.88
N TRP B 270 10.53 -16.65 -21.92
CA TRP B 270 11.18 -15.49 -21.32
C TRP B 270 11.41 -15.69 -19.82
N VAL B 271 10.35 -16.08 -19.13
CA VAL B 271 10.41 -16.38 -17.69
C VAL B 271 11.62 -17.23 -17.42
N SER B 272 11.66 -18.37 -18.13
CA SER B 272 12.71 -19.35 -17.94
C SER B 272 14.09 -18.75 -18.13
N ARG B 273 14.20 -17.69 -18.94
CA ARG B 273 15.51 -17.08 -19.14
C ARG B 273 15.72 -16.11 -17.98
N GLU B 274 14.64 -15.44 -17.61
CA GLU B 274 14.76 -14.23 -16.80
C GLU B 274 15.12 -14.63 -15.38
N ARG B 275 14.73 -15.84 -14.99
CA ARG B 275 15.08 -16.36 -13.68
C ARG B 275 16.58 -16.32 -13.47
N GLU B 276 17.35 -16.45 -14.55
CA GLU B 276 18.80 -16.47 -14.40
C GLU B 276 19.30 -15.10 -13.92
N ARG B 277 18.62 -14.05 -14.36
CA ARG B 277 19.00 -12.69 -14.01
C ARG B 277 18.43 -12.31 -12.66
N GLN B 278 17.25 -12.85 -12.33
CA GLN B 278 16.59 -12.54 -11.07
C GLN B 278 15.45 -13.52 -10.80
N MET B 279 15.53 -14.22 -9.68
CA MET B 279 14.48 -15.15 -9.30
C MET B 279 13.29 -14.39 -8.74
N PHE B 280 12.10 -14.93 -8.98
CA PHE B 280 10.87 -14.34 -8.50
C PHE B 280 9.81 -15.41 -8.33
N THR B 281 8.87 -15.12 -7.43
CA THR B 281 7.79 -16.03 -7.11
C THR B 281 6.63 -15.82 -8.05
N PHE B 282 6.35 -14.57 -8.34
CA PHE B 282 5.09 -14.21 -8.99
C PHE B 282 5.31 -13.74 -10.42
N PRO B 283 4.29 -13.92 -11.29
CA PRO B 283 3.04 -14.60 -10.94
C PRO B 283 3.24 -16.11 -10.89
N VAL B 284 2.41 -16.80 -10.11
CA VAL B 284 2.43 -18.26 -10.08
C VAL B 284 1.90 -18.78 -11.41
N LEU B 285 2.64 -19.71 -12.01
CA LEU B 285 2.33 -20.20 -13.34
C LEU B 285 1.55 -21.52 -13.35
N THR B 286 0.38 -21.49 -13.99
CA THR B 286 -0.36 -22.71 -14.25
C THR B 286 -0.58 -22.87 -15.75
N ALA B 287 -0.59 -24.11 -16.21
CA ALA B 287 -0.93 -24.45 -17.58
C ALA B 287 -2.21 -25.26 -17.52
N SER B 288 -3.25 -24.78 -18.18
CA SER B 288 -4.55 -25.44 -18.14
C SER B 288 -4.76 -26.21 -19.43
N LEU B 289 -4.83 -27.53 -19.30
CA LEU B 289 -4.85 -28.42 -20.44
C LEU B 289 -6.04 -29.36 -20.43
N LEU B 290 -6.69 -29.46 -21.58
CA LEU B 290 -7.79 -30.39 -21.76
C LEU B 290 -7.24 -31.78 -22.10
N TYR B 291 -7.68 -32.78 -21.34
CA TYR B 291 -7.11 -34.13 -21.44
C TYR B 291 -8.21 -35.14 -21.23
N LYS B 292 -8.36 -36.06 -22.17
CA LYS B 292 -9.37 -37.09 -22.04
C LYS B 292 -8.99 -38.33 -22.82
N ASP B 293 -9.41 -39.48 -22.30
CA ASP B 293 -9.13 -40.77 -22.91
C ASP B 293 -7.66 -40.93 -23.31
N GLY B 294 -6.76 -40.61 -22.39
CA GLY B 294 -5.35 -40.90 -22.56
C GLY B 294 -4.56 -39.94 -23.44
N LYS B 295 -5.14 -38.79 -23.78
CA LYS B 295 -4.45 -37.87 -24.67
C LYS B 295 -4.85 -36.41 -24.48
N PHE B 296 -3.88 -35.52 -24.64
CA PHE B 296 -4.11 -34.07 -24.63
C PHE B 296 -4.77 -33.66 -25.94
N LEU B 297 -5.77 -32.78 -25.86
CA LEU B 297 -6.46 -32.34 -27.07
C LEU B 297 -5.69 -31.21 -27.77
N ASP B 298 -4.83 -30.54 -27.02
CA ASP B 298 -3.87 -29.58 -27.56
C ASP B 298 -2.48 -30.12 -27.22
N GLU B 299 -2.04 -31.13 -27.97
CA GLU B 299 -0.79 -31.82 -27.62
C GLU B 299 0.43 -30.91 -27.77
N ASP B 300 0.41 -30.02 -28.77
CA ASP B 300 1.50 -29.08 -28.99
C ASP B 300 1.78 -28.24 -27.73
N SER B 301 0.72 -27.78 -27.08
CA SER B 301 0.87 -26.96 -25.87
C SER B 301 1.39 -27.79 -24.71
N ALA B 302 0.87 -29.01 -24.57
CA ALA B 302 1.27 -29.93 -23.51
C ALA B 302 2.75 -30.25 -23.63
N ARG B 303 3.18 -30.52 -24.86
CA ARG B 303 4.58 -30.79 -25.14
C ARG B 303 5.43 -29.56 -24.89
N PHE B 304 4.94 -28.39 -25.30
CA PHE B 304 5.63 -27.13 -24.96
C PHE B 304 5.83 -26.96 -23.44
N ILE B 305 4.75 -27.11 -22.68
CA ILE B 305 4.84 -26.91 -21.23
C ILE B 305 5.81 -27.94 -20.65
N ASN B 306 5.67 -29.19 -21.10
CA ASN B 306 6.57 -30.25 -20.68
C ASN B 306 8.03 -29.90 -20.93
N LYS B 307 8.33 -29.43 -22.14
CA LYS B 307 9.69 -29.02 -22.50
C LYS B 307 10.17 -27.85 -21.64
N ILE B 308 9.36 -26.82 -21.52
CA ILE B 308 9.82 -25.60 -20.87
C ILE B 308 10.01 -25.83 -19.36
N ASN B 309 9.14 -26.64 -18.75
CA ASN B 309 9.27 -26.97 -17.34
C ASN B 309 10.56 -27.71 -16.97
N MET B 310 11.24 -28.28 -17.96
CA MET B 310 12.41 -29.11 -17.72
C MET B 310 13.47 -28.39 -16.89
N LYS B 311 13.57 -27.08 -17.07
CA LYS B 311 14.65 -26.32 -16.45
C LYS B 311 14.39 -26.06 -14.97
N TRP B 312 13.31 -25.34 -14.66
CA TRP B 312 13.02 -24.94 -13.28
C TRP B 312 11.83 -25.69 -12.67
N GLN B 313 11.08 -26.43 -13.48
CA GLN B 313 9.77 -26.98 -13.06
C GLN B 313 8.95 -25.92 -12.33
N ASP B 314 8.74 -24.79 -12.98
CA ASP B 314 8.11 -23.63 -12.34
C ASP B 314 6.63 -23.46 -12.67
N THR B 315 6.09 -24.40 -13.44
CA THR B 315 4.68 -24.34 -13.84
C THR B 315 3.91 -25.54 -13.27
N ASN B 316 2.73 -25.25 -12.74
CA ASN B 316 1.86 -26.29 -12.23
C ASN B 316 0.95 -26.82 -13.34
N TRP B 317 0.76 -28.13 -13.39
CA TRP B 317 -0.12 -28.74 -14.39
C TRP B 317 -1.55 -28.80 -13.89
N TYR B 318 -2.47 -28.18 -14.63
CA TYR B 318 -3.90 -28.29 -14.39
C TYR B 318 -4.50 -29.18 -15.46
N ILE B 319 -5.15 -30.27 -15.03
CA ILE B 319 -5.80 -31.19 -15.95
C ILE B 319 -7.30 -31.15 -15.77
N SER B 320 -8.01 -31.06 -16.88
CA SER B 320 -9.47 -31.21 -16.90
C SER B 320 -9.87 -32.07 -18.07
N ASP B 321 -10.96 -32.81 -17.89
CA ASP B 321 -11.49 -33.68 -18.93
C ASP B 321 -12.67 -33.04 -19.67
N SER B 322 -12.96 -31.79 -19.37
CA SER B 322 -14.08 -31.11 -20.00
C SER B 322 -13.97 -29.59 -19.91
N ILE B 323 -14.46 -28.90 -20.94
CA ILE B 323 -14.51 -27.43 -20.92
C ILE B 323 -15.93 -26.92 -20.64
N ASP B 324 -16.85 -27.84 -20.37
CA ASP B 324 -18.25 -27.49 -20.14
C ASP B 324 -18.42 -26.38 -19.12
N ALA B 325 -17.61 -26.40 -18.05
CA ALA B 325 -17.77 -25.45 -16.96
C ALA B 325 -17.35 -24.03 -17.37
N VAL B 326 -16.40 -23.93 -18.30
CA VAL B 326 -15.90 -22.64 -18.78
C VAL B 326 -16.47 -22.28 -20.15
N ALA B 327 -17.39 -23.09 -20.66
CA ALA B 327 -17.94 -22.90 -22.00
C ALA B 327 -18.60 -21.54 -22.11
N SER B 328 -18.17 -20.76 -23.11
CA SER B 328 -18.72 -19.44 -23.37
C SER B 328 -18.76 -18.56 -22.11
N CYS B 329 -17.74 -18.71 -21.28
CA CYS B 329 -17.74 -18.11 -19.95
C CYS B 329 -17.73 -16.59 -19.94
N CYS B 330 -16.86 -15.99 -20.74
CA CYS B 330 -16.68 -14.54 -20.73
C CYS B 330 -17.88 -13.83 -21.36
N GLU B 350 -27.73 -20.88 -11.21
CA GLU B 350 -26.90 -20.12 -10.28
C GLU B 350 -25.85 -20.99 -9.60
N LYS B 351 -26.07 -22.31 -9.60
CA LYS B 351 -25.15 -23.23 -8.97
C LYS B 351 -23.83 -23.25 -9.72
N LEU B 352 -22.74 -23.08 -8.97
CA LEU B 352 -21.43 -22.85 -9.54
C LEU B 352 -20.67 -24.14 -9.77
N LYS B 353 -19.89 -24.20 -10.86
CA LYS B 353 -19.21 -25.41 -11.29
C LYS B 353 -17.71 -25.30 -11.56
N GLY B 354 -17.22 -24.09 -11.84
CA GLY B 354 -15.82 -23.93 -12.25
C GLY B 354 -14.83 -24.26 -11.15
N ARG B 355 -13.58 -24.51 -11.51
CA ARG B 355 -12.58 -24.87 -10.51
C ARG B 355 -12.13 -23.69 -9.66
N MET B 356 -12.03 -23.96 -8.36
CA MET B 356 -11.52 -23.00 -7.39
C MET B 356 -10.37 -23.66 -6.65
N ASN B 357 -9.20 -23.01 -6.69
CA ASN B 357 -7.99 -23.51 -6.06
C ASN B 357 -7.19 -22.32 -5.55
N SER B 358 -6.78 -22.37 -4.28
CA SER B 358 -6.09 -21.26 -3.64
C SER B 358 -4.67 -21.05 -4.15
N ILE B 359 -4.12 -22.07 -4.79
CA ILE B 359 -2.74 -22.05 -5.25
C ILE B 359 -2.65 -21.47 -6.65
N GLY B 360 -3.52 -21.94 -7.52
CA GLY B 360 -3.57 -21.48 -8.89
C GLY B 360 -4.49 -22.40 -9.68
N GLY B 361 -4.75 -22.02 -10.93
CA GLY B 361 -5.60 -22.81 -11.80
C GLY B 361 -7.08 -22.52 -11.62
N SER B 362 -7.42 -21.49 -10.85
CA SER B 362 -8.81 -21.09 -10.75
C SER B 362 -9.27 -20.66 -12.13
N ASP B 363 -10.39 -21.22 -12.56
CA ASP B 363 -11.01 -20.84 -13.81
C ASP B 363 -11.36 -19.37 -13.82
N LEU B 364 -11.42 -18.81 -15.03
CA LEU B 364 -11.80 -17.43 -15.22
C LEU B 364 -13.15 -17.13 -14.59
N ASN B 365 -13.23 -16.00 -13.90
CA ASN B 365 -14.44 -15.55 -13.22
C ASN B 365 -14.92 -16.53 -12.16
N ILE B 366 -13.97 -17.12 -11.45
CA ILE B 366 -14.27 -17.92 -10.28
C ILE B 366 -13.42 -17.46 -9.11
N GLY B 367 -14.05 -17.41 -7.94
CA GLY B 367 -13.32 -17.20 -6.71
C GLY B 367 -14.02 -17.82 -5.52
N SER B 368 -13.52 -17.45 -4.34
CA SER B 368 -14.12 -17.79 -3.07
C SER B 368 -14.14 -16.52 -2.23
N PHE B 369 -15.25 -16.28 -1.53
CA PHE B 369 -15.36 -15.10 -0.69
C PHE B 369 -14.76 -15.32 0.70
N LYS B 370 -14.67 -16.59 1.10
CA LYS B 370 -14.07 -16.95 2.39
C LYS B 370 -13.87 -18.46 2.50
N VAL B 371 -12.79 -18.86 3.18
CA VAL B 371 -12.57 -20.23 3.57
C VAL B 371 -12.64 -20.33 5.09
N ILE B 372 -13.33 -21.36 5.55
CA ILE B 372 -13.29 -21.77 6.94
C ILE B 372 -13.00 -23.26 6.96
N THR B 373 -11.89 -23.63 7.59
CA THR B 373 -11.40 -25.00 7.57
C THR B 373 -11.91 -25.81 8.76
N VAL B 374 -12.32 -27.05 8.50
CA VAL B 374 -12.64 -27.98 9.58
C VAL B 374 -11.37 -28.69 10.01
N ASN B 375 -11.14 -28.70 11.33
CA ASN B 375 -10.01 -29.39 11.92
C ASN B 375 -10.35 -30.87 12.04
N LEU B 376 -9.77 -31.67 11.16
CA LEU B 376 -10.11 -33.09 11.09
C LEU B 376 -9.45 -33.89 12.23
N PRO B 377 -8.17 -33.59 12.54
CA PRO B 377 -7.56 -34.25 13.70
C PRO B 377 -8.33 -34.04 15.02
N ARG B 378 -8.92 -32.85 15.18
CA ARG B 378 -9.74 -32.59 16.36
C ARG B 378 -10.87 -33.59 16.43
N ILE B 379 -11.51 -33.83 15.29
CA ILE B 379 -12.63 -34.75 15.26
C ILE B 379 -12.13 -36.15 15.56
N ALA B 380 -11.00 -36.53 14.96
CA ALA B 380 -10.38 -37.81 15.31
C ALA B 380 -10.20 -37.95 16.82
N LEU B 381 -9.60 -36.94 17.44
CA LEU B 381 -9.35 -36.94 18.88
C LEU B 381 -10.65 -37.00 19.67
N GLU B 382 -11.67 -36.26 19.24
CA GLU B 382 -12.96 -36.29 19.92
C GLU B 382 -13.66 -37.63 19.72
N SER B 383 -13.42 -38.27 18.58
CA SER B 383 -14.14 -39.50 18.24
C SER B 383 -13.69 -40.69 19.07
N GLY B 384 -12.43 -40.69 19.48
CA GLY B 384 -11.85 -41.84 20.15
C GLY B 384 -11.93 -43.12 19.33
N GLY B 385 -11.82 -43.00 18.02
CA GLY B 385 -11.76 -44.17 17.15
C GLY B 385 -13.09 -44.60 16.54
N ASP B 386 -14.21 -44.17 17.10
CA ASP B 386 -15.52 -44.48 16.56
C ASP B 386 -15.76 -43.68 15.26
N ARG B 387 -15.72 -44.37 14.13
CA ARG B 387 -15.91 -43.72 12.83
C ARG B 387 -17.31 -43.10 12.68
N GLU B 388 -18.32 -43.78 13.21
CA GLU B 388 -19.69 -43.25 13.16
C GLU B 388 -19.80 -41.94 13.94
N LYS B 389 -19.21 -41.93 15.14
CA LYS B 389 -19.17 -40.74 15.99
C LYS B 389 -18.49 -39.63 15.19
N TYR B 390 -17.30 -39.95 14.71
CA TYR B 390 -16.51 -39.05 13.86
C TYR B 390 -17.38 -38.42 12.79
N LEU B 391 -18.07 -39.24 11.99
CA LEU B 391 -18.88 -38.71 10.91
C LEU B 391 -20.06 -37.84 11.39
N GLN B 392 -20.68 -38.24 12.50
CA GLN B 392 -21.72 -37.39 13.11
C GLN B 392 -21.18 -35.99 13.46
N ILE B 393 -20.07 -35.98 14.18
CA ILE B 393 -19.42 -34.72 14.57
C ILE B 393 -19.05 -33.90 13.35
N LEU B 394 -18.45 -34.59 12.38
CA LEU B 394 -18.03 -33.95 11.13
C LEU B 394 -19.21 -33.24 10.47
N ARG B 395 -20.29 -33.99 10.24
CA ARG B 395 -21.49 -33.42 9.62
C ARG B 395 -21.97 -32.19 10.39
N HIS B 396 -22.08 -32.32 11.71
CA HIS B 396 -22.48 -31.18 12.53
C HIS B 396 -21.57 -29.95 12.31
N ARG B 397 -20.26 -30.17 12.39
CA ARG B 397 -19.30 -29.10 12.22
C ARG B 397 -19.40 -28.44 10.84
N VAL B 398 -19.58 -29.25 9.81
CA VAL B 398 -19.71 -28.68 8.47
C VAL B 398 -20.99 -27.84 8.36
N GLN B 399 -22.07 -28.31 8.99
CA GLN B 399 -23.29 -27.49 9.05
C GLN B 399 -23.04 -26.13 9.74
N LEU B 400 -22.37 -26.19 10.90
CA LEU B 400 -21.93 -24.95 11.58
C LEU B 400 -21.09 -24.02 10.67
N ILE B 401 -20.08 -24.60 10.03
CA ILE B 401 -19.21 -23.84 9.11
C ILE B 401 -20.00 -23.20 7.97
N LYS B 402 -20.97 -23.95 7.44
CA LYS B 402 -21.86 -23.40 6.44
C LYS B 402 -22.59 -22.17 6.97
N LYS B 403 -23.17 -22.30 8.17
CA LYS B 403 -23.81 -21.14 8.79
C LYS B 403 -22.88 -19.92 8.91
N ALA B 404 -21.66 -20.15 9.41
CA ALA B 404 -20.68 -19.05 9.48
C ALA B 404 -20.35 -18.45 8.11
N LEU B 405 -20.17 -19.29 7.10
CA LEU B 405 -19.95 -18.79 5.74
C LEU B 405 -21.12 -17.91 5.26
N ALA B 406 -22.34 -18.37 5.51
CA ALA B 406 -23.53 -17.59 5.14
C ALA B 406 -23.52 -16.23 5.82
N ALA B 407 -23.18 -16.24 7.11
CA ALA B 407 -23.03 -14.99 7.85
C ALA B 407 -21.99 -14.07 7.20
N VAL B 408 -20.78 -14.58 7.01
CA VAL B 408 -19.71 -13.80 6.40
C VAL B 408 -20.18 -13.21 5.08
N ARG B 409 -20.89 -14.02 4.28
CA ARG B 409 -21.43 -13.53 3.03
C ARG B 409 -22.40 -12.35 3.23
N GLU B 410 -23.30 -12.47 4.20
CA GLU B 410 -24.16 -11.32 4.52
C GLU B 410 -23.34 -10.07 4.89
N ILE B 411 -22.31 -10.26 5.73
CA ILE B 411 -21.44 -9.12 6.07
C ILE B 411 -20.80 -8.51 4.82
N ILE B 412 -20.26 -9.35 3.94
CA ILE B 412 -19.69 -8.86 2.68
C ILE B 412 -20.74 -8.07 1.88
N LYS B 413 -21.96 -8.58 1.83
CA LYS B 413 -23.05 -7.83 1.19
C LYS B 413 -23.25 -6.46 1.85
N GLU B 414 -23.24 -6.42 3.19
CA GLU B 414 -23.30 -5.15 3.90
C GLU B 414 -22.16 -4.22 3.46
N ARG B 415 -20.94 -4.74 3.39
CA ARG B 415 -19.79 -3.93 2.97
C ARG B 415 -19.97 -3.38 1.56
N ILE B 416 -20.40 -4.24 0.64
CA ILE B 416 -20.73 -3.79 -0.71
C ILE B 416 -21.72 -2.64 -0.62
N SER B 417 -22.79 -2.83 0.15
CA SER B 417 -23.83 -1.82 0.24
C SER B 417 -23.31 -0.50 0.82
N GLU B 418 -22.28 -0.57 1.65
CA GLU B 418 -21.72 0.62 2.29
C GLU B 418 -20.68 1.29 1.40
N GLY B 419 -20.53 0.80 0.18
CA GLY B 419 -19.64 1.39 -0.80
C GLY B 419 -18.17 1.09 -0.61
N LEU B 420 -17.86 0.17 0.30
CA LEU B 420 -16.47 -0.08 0.69
C LEU B 420 -15.71 -1.02 -0.24
N LEU B 421 -16.45 -1.76 -1.09
CA LEU B 421 -15.84 -2.77 -1.97
C LEU B 421 -16.18 -2.53 -3.42
N PRO B 422 -15.54 -1.52 -4.05
CA PRO B 422 -15.86 -1.13 -5.43
C PRO B 422 -15.53 -2.17 -6.50
N LEU B 423 -14.79 -3.22 -6.19
CA LEU B 423 -14.54 -4.25 -7.18
C LEU B 423 -15.85 -4.93 -7.61
N TYR B 424 -16.80 -4.99 -6.68
CA TYR B 424 -18.11 -5.57 -6.97
C TYR B 424 -18.96 -4.61 -7.76
N GLU B 425 -18.96 -3.33 -7.38
CA GLU B 425 -19.84 -2.35 -8.02
C GLU B 425 -19.42 -2.18 -9.48
N ASN B 426 -18.14 -2.40 -9.76
CA ASN B 426 -17.63 -2.25 -11.13
C ASN B 426 -17.57 -3.55 -11.94
N GLY B 427 -18.07 -4.65 -11.38
CA GLY B 427 -18.22 -5.89 -12.12
C GLY B 427 -16.94 -6.63 -12.40
N LEU B 428 -15.95 -6.44 -11.53
CA LEU B 428 -14.67 -7.14 -11.66
C LEU B 428 -14.69 -8.37 -10.77
N MET B 429 -15.01 -8.17 -9.49
CA MET B 429 -15.27 -9.28 -8.60
C MET B 429 -16.78 -9.53 -8.70
N LEU B 430 -17.17 -10.79 -8.85
CA LEU B 430 -18.58 -11.15 -8.98
C LEU B 430 -19.01 -12.07 -7.83
N LEU B 431 -19.89 -11.58 -6.97
CA LEU B 431 -20.28 -12.32 -5.78
C LEU B 431 -20.94 -13.67 -6.10
N ASN B 432 -21.82 -13.69 -7.10
CA ASN B 432 -22.45 -14.94 -7.52
C ASN B 432 -21.49 -15.91 -8.22
N ARG B 433 -20.24 -15.49 -8.44
CA ARG B 433 -19.21 -16.39 -8.97
C ARG B 433 -18.18 -16.74 -7.91
N GLN B 434 -18.54 -16.52 -6.65
CA GLN B 434 -17.68 -16.86 -5.54
C GLN B 434 -18.31 -17.93 -4.65
N TYR B 435 -17.57 -19.02 -4.46
CA TYR B 435 -17.96 -20.06 -3.53
C TYR B 435 -17.76 -19.56 -2.10
N GLY B 436 -18.47 -20.19 -1.16
CA GLY B 436 -18.04 -20.22 0.22
C GLY B 436 -17.29 -21.53 0.38
N THR B 437 -16.08 -21.50 0.94
CA THR B 437 -15.24 -22.69 0.97
C THR B 437 -15.17 -23.39 2.32
N ILE B 438 -15.52 -24.67 2.32
CA ILE B 438 -15.30 -25.54 3.45
C ILE B 438 -13.90 -26.11 3.25
N GLY B 439 -12.95 -25.67 4.08
CA GLY B 439 -11.59 -26.15 3.99
C GLY B 439 -11.36 -27.43 4.78
N VAL B 440 -10.40 -28.23 4.34
CA VAL B 440 -9.94 -29.36 5.12
C VAL B 440 -8.43 -29.36 5.24
N THR B 441 -7.97 -29.88 6.37
CA THR B 441 -6.55 -30.07 6.62
C THR B 441 -6.41 -31.22 7.62
N GLY B 442 -5.27 -31.89 7.58
CA GLY B 442 -4.97 -32.94 8.53
C GLY B 442 -5.70 -34.23 8.27
N VAL B 443 -6.06 -34.48 7.02
CA VAL B 443 -6.69 -35.73 6.63
C VAL B 443 -5.84 -36.90 7.11
N TRP B 444 -4.57 -36.87 6.73
CA TRP B 444 -3.64 -37.94 7.10
C TRP B 444 -3.53 -38.15 8.61
N GLU B 445 -3.23 -37.07 9.31
CA GLU B 445 -3.08 -37.09 10.77
C GLU B 445 -4.37 -37.55 11.44
N SER B 446 -5.50 -37.17 10.84
CA SER B 446 -6.79 -37.61 11.32
C SER B 446 -6.88 -39.14 11.18
N ALA B 447 -6.57 -39.63 10.00
CA ALA B 447 -6.54 -41.07 9.76
C ALA B 447 -5.63 -41.77 10.77
N SER B 448 -4.45 -41.19 11.00
CA SER B 448 -3.48 -41.77 11.92
C SER B 448 -4.00 -41.85 13.34
N ILE B 449 -4.57 -40.75 13.83
CA ILE B 449 -5.13 -40.76 15.18
C ILE B 449 -6.24 -41.80 15.31
N MET B 450 -6.98 -42.04 14.23
CA MET B 450 -8.08 -43.02 14.25
C MET B 450 -7.57 -44.45 14.16
N GLY B 451 -6.27 -44.61 13.96
CA GLY B 451 -5.68 -45.93 13.85
C GLY B 451 -5.81 -46.51 12.45
N LEU B 452 -5.97 -45.65 11.45
CA LEU B 452 -6.27 -46.10 10.10
C LEU B 452 -5.16 -45.84 9.09
N THR B 453 -3.91 -45.78 9.57
CA THR B 453 -2.76 -45.69 8.68
C THR B 453 -1.80 -46.81 8.96
N THR B 454 -0.83 -47.00 8.06
CA THR B 454 0.13 -48.06 8.23
C THR B 454 1.30 -47.88 7.28
N GLU B 455 2.27 -48.79 7.39
CA GLU B 455 3.38 -48.86 6.47
C GLU B 455 3.26 -50.17 5.71
N ASP B 456 3.90 -50.24 4.55
CA ASP B 456 4.21 -51.51 3.89
C ASP B 456 5.43 -51.27 3.03
N ILE B 457 5.76 -52.23 2.18
CA ILE B 457 6.98 -52.16 1.38
C ILE B 457 7.06 -50.88 0.55
N ASP B 458 5.89 -50.31 0.23
CA ASP B 458 5.81 -49.12 -0.59
C ASP B 458 5.91 -47.83 0.21
N GLY B 459 6.04 -47.97 1.53
CA GLY B 459 6.10 -46.81 2.42
C GLY B 459 4.79 -46.58 3.16
N LEU B 460 4.64 -45.39 3.74
CA LEU B 460 3.43 -45.08 4.49
C LEU B 460 2.22 -45.04 3.59
N LYS B 461 1.07 -45.43 4.14
CA LYS B 461 -0.18 -45.31 3.42
C LYS B 461 -1.37 -45.54 4.33
N TYR B 462 -2.56 -45.29 3.77
CA TYR B 462 -3.81 -45.57 4.46
C TYR B 462 -4.03 -47.08 4.47
N THR B 463 -4.72 -47.57 5.48
CA THR B 463 -5.20 -48.95 5.48
C THR B 463 -6.43 -48.97 4.57
N GLU B 464 -6.86 -50.15 4.14
CA GLU B 464 -8.00 -50.21 3.24
C GLU B 464 -9.22 -49.54 3.89
N GLU B 465 -9.35 -49.78 5.19
CA GLU B 465 -10.41 -49.15 5.98
C GLU B 465 -10.18 -47.64 6.10
N GLY B 466 -8.92 -47.23 6.16
CA GLY B 466 -8.58 -45.82 6.21
C GLY B 466 -8.97 -45.10 4.92
N GLU B 467 -8.69 -45.74 3.79
CA GLU B 467 -9.09 -45.19 2.50
C GLU B 467 -10.61 -45.07 2.46
N VAL B 468 -11.31 -46.15 2.83
CA VAL B 468 -12.77 -46.04 2.96
C VAL B 468 -13.16 -44.85 3.87
N PHE B 469 -12.50 -44.72 5.01
CA PHE B 469 -12.80 -43.64 5.94
C PHE B 469 -12.64 -42.25 5.30
N VAL B 470 -11.55 -42.06 4.56
CA VAL B 470 -11.34 -40.78 3.87
C VAL B 470 -12.45 -40.57 2.83
N ASP B 471 -12.76 -41.62 2.07
CA ASP B 471 -13.89 -41.56 1.14
C ASP B 471 -15.13 -41.04 1.85
N ASN B 472 -15.46 -41.65 3.00
CA ASN B 472 -16.61 -41.24 3.79
C ASN B 472 -16.57 -39.79 4.24
N VAL B 473 -15.42 -39.36 4.77
CA VAL B 473 -15.25 -37.98 5.21
C VAL B 473 -15.53 -36.99 4.06
N LEU B 474 -14.82 -37.22 2.94
CA LEU B 474 -14.94 -36.31 1.81
C LEU B 474 -16.36 -36.33 1.24
N ASP B 475 -16.94 -37.53 1.14
CA ASP B 475 -18.31 -37.68 0.64
C ASP B 475 -19.34 -37.00 1.55
N THR B 476 -19.14 -37.09 2.87
CA THR B 476 -20.03 -36.42 3.81
C THR B 476 -19.95 -34.91 3.58
N ILE B 477 -18.72 -34.40 3.55
CA ILE B 477 -18.54 -32.96 3.30
C ILE B 477 -19.20 -32.56 1.97
N ARG B 478 -19.01 -33.38 0.94
CA ARG B 478 -19.67 -33.13 -0.35
C ARG B 478 -21.18 -33.05 -0.21
N GLU B 479 -21.78 -34.02 0.48
CA GLU B 479 -23.22 -34.00 0.68
C GLU B 479 -23.68 -32.72 1.36
N GLU B 480 -22.98 -32.33 2.41
CA GLU B 480 -23.33 -31.08 3.10
C GLU B 480 -23.13 -29.85 2.20
N ALA B 481 -22.04 -29.81 1.44
CA ALA B 481 -21.81 -28.74 0.48
C ALA B 481 -22.98 -28.68 -0.51
N GLU B 482 -23.38 -29.84 -1.00
CA GLU B 482 -24.45 -29.92 -1.99
C GLU B 482 -25.77 -29.42 -1.42
N LYS B 483 -26.10 -29.83 -0.20
CA LYS B 483 -27.31 -29.34 0.45
C LYS B 483 -27.26 -27.84 0.73
N GLY B 484 -26.05 -27.35 1.04
CA GLY B 484 -25.83 -25.93 1.25
C GLY B 484 -26.45 -25.00 0.23
N TYR B 485 -26.38 -25.37 -1.05
CA TYR B 485 -26.87 -24.51 -2.13
C TYR B 485 -28.38 -24.25 -2.00
N HIS B 486 -29.13 -25.29 -1.66
CA HIS B 486 -30.57 -25.15 -1.46
C HIS B 486 -30.85 -24.50 -0.12
N GLU B 487 -30.03 -24.84 0.88
CA GLU B 487 -30.18 -24.21 2.20
C GLU B 487 -29.92 -22.69 2.21
N TYR B 488 -28.91 -22.23 1.47
CA TYR B 488 -28.43 -20.84 1.61
C TYR B 488 -28.42 -20.00 0.34
N GLY B 489 -28.56 -20.62 -0.82
CA GLY B 489 -28.72 -19.88 -2.06
C GLY B 489 -27.42 -19.46 -2.73
N PHE B 490 -26.31 -20.02 -2.27
CA PHE B 490 -25.04 -19.84 -2.96
C PHE B 490 -24.28 -21.16 -2.88
N THR B 491 -23.24 -21.29 -3.69
CA THR B 491 -22.57 -22.57 -3.85
C THR B 491 -21.37 -22.70 -2.92
N PHE B 492 -21.22 -23.90 -2.37
CA PHE B 492 -20.10 -24.22 -1.50
C PHE B 492 -19.12 -25.11 -2.24
N ASN B 493 -17.84 -24.96 -1.93
CA ASN B 493 -16.81 -25.85 -2.46
C ASN B 493 -15.95 -26.37 -1.33
N ILE B 494 -15.15 -27.37 -1.65
CA ILE B 494 -14.25 -27.98 -0.71
C ILE B 494 -12.83 -27.78 -1.22
N GLU B 495 -11.91 -27.49 -0.32
CA GLU B 495 -10.51 -27.39 -0.68
C GLU B 495 -9.61 -27.95 0.40
N GLN B 496 -8.67 -28.79 -0.02
CA GLN B 496 -7.57 -29.14 0.86
C GLN B 496 -6.59 -27.98 0.82
N VAL B 497 -6.69 -27.10 1.82
CA VAL B 497 -6.04 -25.80 1.78
C VAL B 497 -4.54 -25.85 2.04
N PRO B 498 -3.78 -24.88 1.47
CA PRO B 498 -2.36 -24.74 1.78
C PRO B 498 -2.05 -24.72 3.27
N ALA B 499 -2.87 -24.02 4.06
CA ALA B 499 -2.79 -24.06 5.52
C ALA B 499 -1.41 -23.72 6.06
N GLU B 500 -0.79 -22.69 5.46
CA GLU B 500 0.55 -22.26 5.84
C GLU B 500 0.67 -22.03 7.34
N LYS B 501 -0.36 -21.39 7.91
CA LYS B 501 -0.40 -21.10 9.34
C LYS B 501 -1.31 -22.08 10.08
N ALA B 502 -2.47 -22.37 9.50
CA ALA B 502 -3.45 -23.23 10.14
C ALA B 502 -2.85 -24.60 10.51
N ALA B 503 -1.97 -25.11 9.64
CA ALA B 503 -1.38 -26.42 9.86
C ALA B 503 -0.60 -26.48 11.16
N VAL B 504 -0.01 -25.36 11.54
CA VAL B 504 0.78 -25.25 12.76
C VAL B 504 -0.15 -24.96 13.94
N THR B 505 -0.98 -23.94 13.77
CA THR B 505 -1.83 -23.45 14.85
C THR B 505 -2.81 -24.51 15.35
N LEU B 506 -3.44 -25.23 14.42
CA LEU B 506 -4.42 -26.24 14.81
C LEU B 506 -3.75 -27.37 15.56
N ALA B 507 -2.60 -27.81 15.05
CA ALA B 507 -1.81 -28.83 15.74
C ALA B 507 -1.46 -28.35 17.16
N GLN B 508 -1.01 -27.11 17.27
CA GLN B 508 -0.71 -26.53 18.58
C GLN B 508 -1.90 -26.54 19.55
N LYS B 509 -3.04 -26.05 19.07
CA LYS B 509 -4.24 -26.03 19.91
C LYS B 509 -4.68 -27.44 20.33
N ASP B 510 -4.72 -28.35 19.36
CA ASP B 510 -5.08 -29.73 19.68
C ASP B 510 -4.10 -30.31 20.69
N ARG B 511 -2.82 -30.00 20.51
CA ARG B 511 -1.79 -30.43 21.44
C ARG B 511 -2.07 -29.88 22.85
N PHE B 512 -2.40 -28.60 22.92
CA PHE B 512 -2.80 -27.98 24.18
C PHE B 512 -3.96 -28.72 24.82
N LEU B 513 -4.99 -29.02 24.03
CA LEU B 513 -6.18 -29.67 24.59
C LEU B 513 -6.07 -31.17 24.86
N PHE B 514 -5.27 -31.88 24.07
CA PHE B 514 -5.25 -33.35 24.13
C PHE B 514 -3.87 -33.94 24.46
N GLY B 515 -2.85 -33.09 24.53
CA GLY B 515 -1.52 -33.52 24.91
C GLY B 515 -0.94 -34.65 24.08
N GLU B 516 -0.49 -35.70 24.78
CA GLU B 516 0.24 -36.80 24.15
C GLU B 516 -0.55 -37.49 23.03
N LYS B 517 -1.88 -37.39 23.09
CA LYS B 517 -2.76 -38.00 22.09
C LYS B 517 -2.57 -37.39 20.70
N GLN B 518 -2.08 -36.15 20.67
CA GLN B 518 -1.84 -35.43 19.42
C GLN B 518 -0.33 -35.29 19.21
N PRO B 519 0.29 -36.27 18.54
CA PRO B 519 1.75 -36.32 18.45
C PRO B 519 2.33 -35.49 17.30
N PHE B 520 1.46 -34.89 16.49
CA PHE B 520 1.93 -34.17 15.30
C PHE B 520 2.16 -32.69 15.57
N GLU B 521 3.31 -32.19 15.17
CA GLU B 521 3.62 -30.77 15.35
C GLU B 521 3.02 -29.93 14.23
N ILE B 522 2.78 -30.54 13.08
CA ILE B 522 2.16 -29.86 11.94
C ILE B 522 1.23 -30.83 11.20
N TYR B 523 0.08 -30.33 10.77
CA TYR B 523 -0.88 -31.10 9.98
C TYR B 523 -0.55 -30.96 8.49
N SER B 524 -1.01 -31.92 7.70
CA SER B 524 -0.65 -32.02 6.29
C SER B 524 -1.67 -31.32 5.38
N ASN B 525 -1.16 -30.79 4.27
CA ASN B 525 -1.99 -30.13 3.26
C ASN B 525 -2.01 -30.88 1.94
N GLN B 526 -1.57 -32.14 1.99
CA GLN B 526 -1.69 -33.07 0.86
C GLN B 526 -2.18 -34.41 1.42
N TRP B 527 -2.74 -35.27 0.56
CA TRP B 527 -3.35 -36.52 1.03
C TRP B 527 -2.34 -37.39 1.75
N VAL B 528 -1.11 -37.44 1.24
CA VAL B 528 0.00 -38.06 1.94
C VAL B 528 0.96 -36.94 2.30
N PRO B 529 1.47 -36.94 3.55
CA PRO B 529 2.41 -35.89 3.95
C PRO B 529 3.60 -35.76 2.99
N LEU B 530 3.92 -34.53 2.61
CA LEU B 530 5.05 -34.26 1.71
C LEU B 530 6.32 -34.94 2.19
N MET B 531 6.63 -34.79 3.47
CA MET B 531 7.83 -35.38 4.05
C MET B 531 7.49 -36.72 4.69
N ALA B 532 7.19 -37.69 3.84
CA ALA B 532 6.88 -39.03 4.27
C ALA B 532 7.26 -39.95 3.12
N ASN B 533 8.40 -40.62 3.25
CA ASN B 533 8.90 -41.46 2.18
C ASN B 533 7.88 -42.54 1.85
N THR B 534 7.29 -42.41 0.68
CA THR B 534 6.25 -43.30 0.21
C THR B 534 6.47 -43.53 -1.27
N ASP B 535 5.78 -44.52 -1.83
CA ASP B 535 5.81 -44.72 -3.26
C ASP B 535 5.07 -43.55 -3.90
N VAL B 536 5.70 -42.95 -4.89
CA VAL B 536 5.06 -41.85 -5.62
C VAL B 536 3.76 -42.33 -6.25
N LEU B 537 3.73 -43.60 -6.64
CA LEU B 537 2.54 -44.18 -7.26
C LEU B 537 1.34 -44.15 -6.30
N ASN B 538 1.62 -44.28 -5.01
CA ASN B 538 0.57 -44.24 -4.00
C ASN B 538 0.02 -42.83 -3.82
N ARG B 539 0.92 -41.85 -3.77
CA ARG B 539 0.52 -40.44 -3.80
C ARG B 539 -0.37 -40.17 -5.00
N ILE B 540 0.11 -40.58 -6.18
CA ILE B 540 -0.66 -40.39 -7.41
C ILE B 540 -2.02 -41.06 -7.28
N ARG B 541 -2.04 -42.31 -6.81
CA ARG B 541 -3.27 -43.05 -6.62
C ARG B 541 -4.26 -42.28 -5.72
N TYR B 542 -3.79 -41.83 -4.56
CA TYR B 542 -4.68 -41.13 -3.64
C TYR B 542 -5.21 -39.83 -4.26
N SER B 543 -4.34 -39.10 -4.96
CA SER B 543 -4.81 -37.89 -5.62
C SER B 543 -5.84 -38.23 -6.71
N GLY B 544 -5.61 -39.32 -7.43
CA GLY B 544 -6.53 -39.77 -8.45
C GLY B 544 -7.87 -40.18 -7.86
N LYS B 545 -7.85 -40.80 -6.67
CA LYS B 545 -9.09 -41.12 -5.96
C LYS B 545 -9.82 -39.89 -5.42
N TRP B 546 -9.06 -38.96 -4.84
CA TRP B 546 -9.70 -37.93 -4.01
C TRP B 546 -9.75 -36.50 -4.58
N ASP B 547 -8.95 -36.17 -5.58
CA ASP B 547 -9.04 -34.83 -6.18
C ASP B 547 -10.44 -34.50 -6.69
N LYS B 548 -11.08 -35.46 -7.32
CA LYS B 548 -12.39 -35.24 -7.91
C LYS B 548 -13.43 -35.01 -6.82
N LYS B 549 -13.21 -35.58 -5.65
CA LYS B 549 -14.14 -35.42 -4.56
C LYS B 549 -14.14 -33.96 -4.07
N VAL B 550 -13.01 -33.29 -4.20
CA VAL B 550 -12.90 -31.86 -3.87
C VAL B 550 -12.88 -30.98 -5.12
N SER B 551 -13.28 -31.55 -6.26
CA SER B 551 -13.34 -30.83 -7.54
C SER B 551 -12.08 -30.05 -7.88
N GLY B 552 -10.92 -30.67 -7.63
CA GLY B 552 -9.66 -30.08 -8.01
C GLY B 552 -9.11 -29.08 -7.00
N GLY B 553 -9.79 -28.98 -5.86
CA GLY B 553 -9.33 -28.13 -4.77
C GLY B 553 -8.24 -28.80 -3.96
N ALA B 554 -7.15 -29.15 -4.63
CA ALA B 554 -5.99 -29.74 -3.97
C ALA B 554 -4.76 -29.56 -4.84
N ILE B 555 -3.61 -29.99 -4.35
CA ILE B 555 -2.43 -30.09 -5.19
C ILE B 555 -1.59 -31.29 -4.79
N LEU B 556 -1.04 -31.97 -5.79
CA LEU B 556 -0.01 -32.97 -5.57
C LEU B 556 1.28 -32.37 -6.11
N HIS B 557 2.31 -32.25 -5.29
CA HIS B 557 3.61 -31.92 -5.85
C HIS B 557 4.71 -32.85 -5.38
N ILE B 558 5.47 -33.32 -6.37
CA ILE B 558 6.41 -34.42 -6.24
C ILE B 558 7.84 -33.92 -6.38
N ASN B 559 8.63 -34.05 -5.32
CA ASN B 559 10.02 -33.62 -5.36
C ASN B 559 10.87 -34.49 -6.30
N LEU B 560 11.62 -33.84 -7.18
CA LEU B 560 12.57 -34.53 -8.04
C LEU B 560 13.92 -34.70 -7.34
N LYS B 565 16.10 -37.03 -16.93
CA LYS B 565 15.79 -38.32 -17.53
C LYS B 565 15.86 -38.23 -19.05
N THR B 566 14.70 -38.03 -19.68
CA THR B 566 14.61 -37.49 -21.03
C THR B 566 13.31 -36.72 -21.05
N GLU B 567 13.06 -35.99 -22.13
CA GLU B 567 11.86 -35.15 -22.22
C GLU B 567 10.61 -36.03 -22.37
N GLU B 568 10.78 -37.12 -23.09
CA GLU B 568 9.70 -38.07 -23.36
C GLU B 568 9.27 -38.79 -22.09
N GLU B 569 10.25 -39.14 -21.26
CA GLU B 569 9.96 -39.76 -19.97
C GLU B 569 9.15 -38.81 -19.10
N SER B 570 9.53 -37.54 -19.13
CA SER B 570 8.78 -36.51 -18.41
C SER B 570 7.35 -36.48 -18.95
N PHE B 571 7.22 -36.40 -20.27
CA PHE B 571 5.88 -36.38 -20.87
C PHE B 571 5.03 -37.61 -20.50
N ASN B 572 5.65 -38.79 -20.51
CA ASN B 572 4.92 -40.02 -20.18
C ASN B 572 4.50 -40.03 -18.72
N MET B 573 5.40 -39.56 -17.84
CA MET B 573 5.07 -39.34 -16.44
C MET B 573 3.84 -38.43 -16.32
N VAL B 574 3.89 -37.28 -17.00
CA VAL B 574 2.76 -36.35 -16.99
C VAL B 574 1.46 -37.05 -17.40
N LYS B 575 1.52 -37.73 -18.54
CA LYS B 575 0.37 -38.48 -19.05
C LYS B 575 -0.14 -39.49 -18.05
N MET B 576 0.77 -40.23 -17.42
CA MET B 576 0.39 -41.28 -16.47
C MET B 576 -0.31 -40.67 -15.28
N ILE B 577 0.23 -39.56 -14.78
CA ILE B 577 -0.41 -38.84 -13.70
C ILE B 577 -1.81 -38.38 -14.10
N ALA B 578 -1.92 -37.77 -15.27
CA ALA B 578 -3.21 -37.32 -15.79
C ALA B 578 -4.20 -38.48 -15.96
N ASP B 579 -3.71 -39.62 -16.46
CA ASP B 579 -4.55 -40.81 -16.68
C ASP B 579 -5.18 -41.28 -15.37
N MET B 580 -4.46 -41.05 -14.27
CA MET B 580 -4.90 -41.52 -12.96
C MET B 580 -5.95 -40.61 -12.32
N GLY B 581 -6.21 -39.46 -12.91
CA GLY B 581 -7.26 -38.56 -12.44
C GLY B 581 -6.77 -37.43 -11.54
N VAL B 582 -5.46 -37.26 -11.44
CA VAL B 582 -4.90 -36.16 -10.65
C VAL B 582 -5.19 -34.86 -11.39
N MET B 583 -5.70 -33.86 -10.67
CA MET B 583 -6.27 -32.69 -11.33
C MET B 583 -5.36 -31.46 -11.31
N TYR B 584 -4.37 -31.47 -10.43
CA TYR B 584 -3.49 -30.31 -10.25
C TYR B 584 -2.21 -30.81 -9.62
N PHE B 585 -1.10 -30.66 -10.32
CA PHE B 585 0.16 -31.17 -9.82
C PHE B 585 1.39 -30.49 -10.40
N ALA B 586 2.54 -30.78 -9.79
CA ALA B 586 3.79 -30.16 -10.18
C ALA B 586 4.93 -31.02 -9.68
N PHE B 587 6.09 -30.86 -10.31
CA PHE B 587 7.32 -31.50 -9.85
C PHE B 587 8.20 -30.42 -9.25
N ASN B 588 9.01 -30.78 -8.26
CA ASN B 588 9.81 -29.79 -7.54
C ASN B 588 11.30 -29.98 -7.67
N THR B 589 11.98 -28.90 -8.03
CA THR B 589 13.43 -28.84 -7.98
C THR B 589 13.80 -27.94 -6.82
N LYS B 590 15.07 -28.00 -6.43
CA LYS B 590 15.61 -27.11 -5.41
C LYS B 590 16.43 -26.05 -6.12
N ILE B 591 15.88 -24.85 -6.24
CA ILE B 591 16.54 -23.82 -7.04
C ILE B 591 17.47 -23.00 -6.14
N SER B 592 18.74 -22.91 -6.51
CA SER B 592 19.70 -22.14 -5.73
C SER B 592 19.62 -20.66 -6.09
N VAL B 593 19.91 -19.80 -5.12
CA VAL B 593 20.05 -18.38 -5.40
C VAL B 593 21.22 -17.79 -4.63
N CYS B 594 21.91 -16.83 -5.24
CA CYS B 594 22.99 -16.10 -4.58
C CYS B 594 22.39 -14.85 -3.95
N GLU B 595 23.21 -14.08 -3.23
CA GLU B 595 22.71 -12.94 -2.48
C GLU B 595 22.13 -11.86 -3.40
N ASP B 596 22.51 -11.88 -4.67
CA ASP B 596 22.02 -10.90 -5.63
C ASP B 596 20.79 -11.38 -6.42
N GLY B 597 20.34 -12.59 -6.12
CA GLY B 597 19.07 -13.07 -6.63
C GLY B 597 19.12 -13.82 -7.95
N HIS B 598 20.31 -14.20 -8.40
CA HIS B 598 20.44 -14.99 -9.62
C HIS B 598 20.03 -16.42 -9.31
N ALA B 599 19.20 -17.00 -10.16
CA ALA B 599 18.74 -18.37 -9.97
C ALA B 599 19.64 -19.35 -10.72
N PHE B 600 19.93 -20.48 -10.09
CA PHE B 600 20.79 -21.50 -10.67
C PHE B 600 20.69 -22.80 -9.87
N TYR B 601 21.45 -23.81 -10.29
CA TYR B 601 21.58 -25.06 -9.54
C TYR B 601 23.02 -25.23 -9.09
N GLY B 602 23.21 -25.82 -7.91
CA GLY B 602 24.54 -25.97 -7.34
C GLY B 602 24.87 -24.93 -6.28
N GLU B 603 26.12 -24.91 -5.83
CA GLU B 603 26.55 -24.05 -4.72
C GLU B 603 27.23 -22.77 -5.22
N ARG B 604 27.28 -22.58 -6.53
CA ARG B 604 28.07 -21.52 -7.14
C ARG B 604 27.33 -20.86 -8.30
N CYS B 605 27.13 -19.54 -8.19
CA CYS B 605 26.37 -18.79 -9.19
C CYS B 605 27.15 -18.64 -10.50
N PRO B 606 26.52 -18.95 -11.64
CA PRO B 606 27.22 -18.83 -12.93
C PRO B 606 27.28 -17.40 -13.47
N VAL B 607 26.53 -16.49 -12.89
CA VAL B 607 26.48 -15.12 -13.36
C VAL B 607 27.54 -14.25 -12.67
N CYS B 608 27.55 -14.28 -11.35
CA CYS B 608 28.44 -13.42 -10.56
C CYS B 608 29.46 -14.22 -9.75
N GLY B 609 29.37 -15.55 -9.81
CA GLY B 609 30.35 -16.38 -9.16
C GLY B 609 30.21 -16.45 -7.65
N LYS B 610 29.20 -15.78 -7.12
CA LYS B 610 28.97 -15.78 -5.67
C LYS B 610 28.35 -17.09 -5.23
N ALA B 611 28.43 -17.36 -3.93
CA ALA B 611 27.97 -18.61 -3.36
C ALA B 611 26.46 -18.64 -3.23
N LYS B 612 25.90 -19.84 -3.24
CA LYS B 612 24.50 -20.06 -2.87
C LYS B 612 24.31 -19.56 -1.45
N VAL B 613 23.17 -18.92 -1.20
CA VAL B 613 22.86 -18.37 0.12
C VAL B 613 21.43 -18.73 0.53
N ASP B 614 20.65 -19.27 -0.41
CA ASP B 614 19.25 -19.59 -0.13
C ASP B 614 18.69 -20.52 -1.22
N GLU B 615 17.55 -21.13 -0.94
CA GLU B 615 16.88 -22.01 -1.91
C GLU B 615 15.48 -21.52 -2.17
N TYR B 616 15.05 -21.66 -3.42
CA TYR B 616 13.64 -21.51 -3.76
C TYR B 616 13.06 -22.90 -3.98
N MET B 617 11.92 -23.14 -3.34
CA MET B 617 11.22 -24.41 -3.47
C MET B 617 9.73 -24.21 -3.44
N ARG B 618 9.01 -25.17 -4.02
CA ARG B 618 7.58 -25.23 -3.93
C ARG B 618 7.20 -26.01 -2.66
N ILE B 619 6.75 -25.29 -1.64
CA ILE B 619 6.48 -25.91 -0.34
C ILE B 619 4.99 -26.23 -0.22
N VAL B 620 4.15 -25.25 -0.53
CA VAL B 620 2.70 -25.43 -0.46
C VAL B 620 2.04 -25.25 -1.82
N GLY B 621 2.83 -25.18 -2.89
CA GLY B 621 2.31 -25.11 -4.25
C GLY B 621 2.87 -24.01 -5.14
N TYR B 622 3.57 -23.04 -4.54
CA TYR B 622 4.26 -22.01 -5.31
C TYR B 622 5.71 -21.85 -4.85
N LEU B 623 6.54 -21.25 -5.69
CA LEU B 623 7.98 -21.19 -5.44
C LEU B 623 8.37 -20.06 -4.48
N VAL B 624 8.87 -20.43 -3.31
CA VAL B 624 9.27 -19.44 -2.32
C VAL B 624 10.67 -19.69 -1.74
N PRO B 625 11.30 -18.64 -1.19
CA PRO B 625 12.53 -18.76 -0.40
C PRO B 625 12.30 -19.64 0.82
N VAL B 626 13.16 -20.61 1.05
CA VAL B 626 13.01 -21.49 2.21
C VAL B 626 13.31 -20.76 3.53
N SER B 627 14.23 -19.80 3.50
CA SER B 627 14.56 -19.02 4.69
C SER B 627 13.32 -18.26 5.18
N ALA B 628 12.62 -17.63 4.23
CA ALA B 628 11.39 -16.91 4.53
C ALA B 628 10.37 -17.83 5.19
N PHE B 629 10.04 -18.94 4.51
CA PHE B 629 9.10 -19.92 5.05
C PHE B 629 9.49 -20.41 6.44
N ASN B 630 10.75 -20.78 6.61
CA ASN B 630 11.25 -21.24 7.90
C ASN B 630 11.02 -20.17 8.97
N LYS B 631 11.38 -18.94 8.65
CA LYS B 631 11.14 -17.81 9.55
C LYS B 631 9.64 -17.62 9.85
N GLU B 632 8.81 -17.69 8.82
CA GLU B 632 7.37 -17.50 8.98
C GLU B 632 6.78 -18.55 9.92
#